data_9EOT
#
_entry.id   9EOT
#
_cell.length_a   1.00
_cell.length_b   1.00
_cell.length_c   1.00
_cell.angle_alpha   90.00
_cell.angle_beta   90.00
_cell.angle_gamma   90.00
#
_symmetry.space_group_name_H-M   'P 1'
#
loop_
_entity.id
_entity.type
_entity.pdbx_description
1 polymer 'Isoform 2 of Ceramide synthase 6'
2 polymer Nanobody-02
3 non-polymer 'PALMITIC ACID'
4 non-polymer 1,2-DIACYL-SN-GLYCERO-3-PHOSPHOCHOLINE
5 non-polymer 2-acetamido-2-deoxy-beta-D-glucopyranose
#
loop_
_entity_poly.entity_id
_entity_poly.type
_entity_poly.pdbx_seq_one_letter_code
_entity_poly.pdbx_strand_id
1 'polypeptide(L)'
;MAGILAWFWNERFWLPHNVTWADLKNTEEATFPQAEDLYLAFPLAFCIFMVRLIFERFVAKPCAIALNIQANGPQIAPPN
AILEKVFTAITKHPDEKRLEGLSKQLDWDVRSIQRWFRQRRNQEKPSTLTRFCESMWRFSFYLYVFTYGVRFLKKTPWLW
NTRHCWYNYPYQPLTTDLHYYYILELSFYWSLMFSQFTDIKRKDFGIMFLHHLVSIFLITFSYVNNMARVGTLVLCLHDS
ADALLEAAKMANYAKFQKMCDLLFVMFAVVFITTRLGIFPLWVLNTTLFESWEIVGPYPSWWVFNLLLLLVQGLNCFWSY
LIVKIACKAVSRGKAGKWNPLHVSKDDRSDAENLYFQ
;
A,C
2 'polypeptide(L)'
;QLQFVESGGGLVQAGGSLRLSCAASGRTFSRYAVGWFRQAPGKEREFVASITWNGATTYYADSVKGRFTISRDNAKNTVY
LQMNSLKPEDTAVYYCALDLYSYGTRDVADFGSWGKGTRVTVSSHHHHHHEPEA
;
B,D
#
loop_
_chem_comp.id
_chem_comp.type
_chem_comp.name
_chem_comp.formula
NAG D-saccharide, beta linking 2-acetamido-2-deoxy-beta-D-glucopyranose 'C8 H15 N O6'
PC1 non-polymer 1,2-DIACYL-SN-GLYCERO-3-PHOSPHOCHOLINE 'C44 H88 N O8 P'
PLM non-polymer 'PALMITIC ACID' 'C16 H32 O2'
#
# COMPACT_ATOMS: atom_id res chain seq x y z
N ALA A 2 -15.95 -8.84 4.64
CA ALA A 2 -16.67 -7.95 3.75
C ALA A 2 -17.84 -7.29 4.46
N GLY A 3 -18.68 -8.10 5.11
CA GLY A 3 -19.80 -7.56 5.84
C GLY A 3 -19.38 -6.75 7.04
N ILE A 4 -18.33 -7.19 7.74
CA ILE A 4 -17.86 -6.45 8.90
C ILE A 4 -17.29 -5.09 8.50
N LEU A 5 -16.65 -5.01 7.33
CA LEU A 5 -16.20 -3.72 6.82
C LEU A 5 -17.36 -2.79 6.53
N ALA A 6 -18.45 -3.33 5.95
CA ALA A 6 -19.64 -2.53 5.72
C ALA A 6 -20.26 -2.06 7.03
N TRP A 7 -20.22 -2.91 8.05
CA TRP A 7 -20.70 -2.50 9.37
C TRP A 7 -19.85 -1.38 9.96
N PHE A 8 -18.53 -1.49 9.82
CA PHE A 8 -17.63 -0.48 10.38
C PHE A 8 -17.82 0.87 9.69
N TRP A 9 -17.90 0.88 8.36
CA TRP A 9 -18.10 2.12 7.60
C TRP A 9 -19.59 2.44 7.49
N ASN A 10 -20.21 2.69 8.64
CA ASN A 10 -21.62 3.05 8.69
C ASN A 10 -21.79 4.51 8.27
N GLU A 11 -22.53 4.74 7.20
CA GLU A 11 -22.68 6.09 6.68
C GLU A 11 -23.46 7.00 7.62
N ARG A 12 -24.23 6.44 8.55
CA ARG A 12 -24.94 7.24 9.52
C ARG A 12 -24.10 7.63 10.72
N PHE A 13 -22.85 7.16 10.78
CA PHE A 13 -21.93 7.47 11.88
C PHE A 13 -20.87 8.47 11.48
N TRP A 14 -20.19 8.25 10.35
CA TRP A 14 -19.11 9.13 9.92
C TRP A 14 -19.66 10.37 9.22
N LEU A 15 -20.35 10.16 8.09
CA LEU A 15 -20.88 11.27 7.32
C LEU A 15 -21.98 11.98 8.09
N PRO A 16 -22.14 13.29 7.88
CA PRO A 16 -23.23 14.02 8.51
C PRO A 16 -24.58 13.72 7.88
N HIS A 17 -25.61 14.27 8.52
CA HIS A 17 -27.00 14.08 8.12
C HIS A 17 -27.21 14.24 6.61
N ASN A 18 -27.98 13.32 6.04
CA ASN A 18 -28.38 13.38 4.62
C ASN A 18 -27.18 13.35 3.67
N VAL A 19 -26.17 12.55 4.00
CA VAL A 19 -24.97 12.43 3.18
C VAL A 19 -24.59 10.95 3.12
N THR A 20 -24.37 10.46 1.90
CA THR A 20 -24.01 9.07 1.67
C THR A 20 -22.66 8.98 0.96
N TRP A 21 -22.02 7.81 1.07
CA TRP A 21 -20.74 7.60 0.42
C TRP A 21 -20.85 7.71 -1.10
N ALA A 22 -22.02 7.39 -1.66
CA ALA A 22 -22.22 7.50 -3.09
C ALA A 22 -22.09 8.93 -3.60
N ASP A 23 -22.24 9.92 -2.72
CA ASP A 23 -22.09 11.32 -3.12
C ASP A 23 -20.63 11.73 -3.28
N LEU A 24 -19.70 11.02 -2.62
CA LEU A 24 -18.30 11.37 -2.63
C LEU A 24 -17.47 10.53 -3.60
N LYS A 25 -18.09 9.63 -4.36
CA LYS A 25 -17.38 8.88 -5.37
C LYS A 25 -16.77 9.80 -6.42
N ASN A 26 -15.68 9.34 -7.02
CA ASN A 26 -14.93 10.15 -7.98
C ASN A 26 -15.67 10.20 -9.31
N THR A 27 -16.13 11.38 -9.70
CA THR A 27 -16.85 11.55 -10.95
C THR A 27 -15.94 12.14 -12.02
N GLU A 28 -16.51 12.37 -13.20
CA GLU A 28 -15.75 12.85 -14.35
C GLU A 28 -15.06 14.18 -14.06
N GLU A 29 -15.84 15.19 -13.68
CA GLU A 29 -15.29 16.53 -13.49
C GLU A 29 -14.65 16.74 -12.12
N ALA A 30 -15.02 15.96 -11.11
CA ALA A 30 -14.56 16.21 -9.75
C ALA A 30 -13.91 14.98 -9.15
N THR A 31 -12.81 15.19 -8.43
CA THR A 31 -12.09 14.14 -7.74
C THR A 31 -12.19 14.37 -6.23
N PHE A 32 -12.65 13.35 -5.50
CA PHE A 32 -12.74 13.41 -4.05
C PHE A 32 -11.81 12.39 -3.42
N PRO A 33 -11.31 12.64 -2.21
CA PRO A 33 -10.42 11.67 -1.57
C PRO A 33 -11.11 10.37 -1.26
N GLN A 34 -10.37 9.27 -1.39
CA GLN A 34 -10.87 7.93 -1.13
C GLN A 34 -9.89 7.17 -0.26
N ALA A 35 -10.40 6.16 0.44
CA ALA A 35 -9.56 5.35 1.31
C ALA A 35 -8.49 4.61 0.51
N GLU A 36 -8.84 4.19 -0.71
CA GLU A 36 -7.90 3.44 -1.55
C GLU A 36 -6.66 4.25 -1.91
N ASP A 37 -6.72 5.58 -1.82
CA ASP A 37 -5.57 6.42 -2.09
C ASP A 37 -4.56 6.40 -0.95
N LEU A 38 -4.91 5.84 0.21
CA LEU A 38 -4.03 5.80 1.36
C LEU A 38 -3.17 4.54 1.42
N TYR A 39 -3.24 3.69 0.40
CA TYR A 39 -2.38 2.50 0.37
C TYR A 39 -0.97 2.81 -0.12
N LEU A 40 -0.79 3.92 -0.83
CA LEU A 40 0.54 4.34 -1.29
C LEU A 40 1.43 4.77 -0.12
N ALA A 41 0.82 5.08 1.03
CA ALA A 41 1.56 5.52 2.20
C ALA A 41 2.60 4.50 2.64
N PHE A 42 2.23 3.22 2.70
CA PHE A 42 3.21 2.18 3.04
C PHE A 42 4.39 2.09 2.08
N PRO A 43 4.21 2.02 0.75
CA PRO A 43 5.39 2.08 -0.14
C PRO A 43 6.22 3.34 0.02
N LEU A 44 5.57 4.50 0.18
CA LEU A 44 6.34 5.72 0.36
C LEU A 44 7.08 5.70 1.70
N ALA A 45 6.50 5.08 2.72
CA ALA A 45 7.19 4.95 4.00
C ALA A 45 8.40 4.04 3.89
N PHE A 46 8.29 2.96 3.11
CA PHE A 46 9.45 2.12 2.87
C PHE A 46 10.55 2.86 2.12
N CYS A 47 10.17 3.65 1.11
CA CYS A 47 11.15 4.46 0.39
C CYS A 47 11.80 5.48 1.32
N ILE A 48 11.01 6.04 2.24
CA ILE A 48 11.56 7.03 3.18
C ILE A 48 12.50 6.34 4.15
N PHE A 49 12.17 5.12 4.58
CA PHE A 49 13.03 4.39 5.50
C PHE A 49 14.38 4.09 4.86
N MET A 50 14.38 3.63 3.60
CA MET A 50 15.64 3.41 2.90
C MET A 50 16.42 4.71 2.71
N VAL A 51 15.73 5.80 2.35
CA VAL A 51 16.45 7.07 2.20
C VAL A 51 17.02 7.53 3.54
N ARG A 52 16.32 7.23 4.64
CA ARG A 52 16.82 7.56 5.97
C ARG A 52 18.08 6.76 6.29
N LEU A 53 18.08 5.47 5.95
CA LEU A 53 19.28 4.65 6.18
C LEU A 53 20.46 5.19 5.37
N ILE A 54 20.22 5.54 4.10
CA ILE A 54 21.28 6.07 3.26
C ILE A 54 21.80 7.39 3.82
N PHE A 55 20.90 8.27 4.26
CA PHE A 55 21.31 9.56 4.80
C PHE A 55 22.11 9.40 6.07
N GLU A 56 21.66 8.52 6.96
CA GLU A 56 22.38 8.28 8.21
C GLU A 56 23.77 7.71 8.00
N ARG A 57 23.91 6.74 7.09
CA ARG A 57 25.23 6.12 6.95
C ARG A 57 26.18 6.90 6.05
N PHE A 58 25.68 7.65 5.06
CA PHE A 58 26.57 8.31 4.12
C PHE A 58 26.60 9.83 4.22
N VAL A 59 25.61 10.46 4.83
CA VAL A 59 25.51 11.91 4.89
C VAL A 59 25.70 12.44 6.31
N ALA A 60 25.18 11.73 7.31
CA ALA A 60 25.25 12.20 8.68
C ALA A 60 26.51 11.72 9.40
N LYS A 61 26.96 10.49 9.12
CA LYS A 61 28.14 9.97 9.79
C LYS A 61 29.40 10.75 9.43
N PRO A 62 29.68 11.06 8.16
CA PRO A 62 30.85 11.91 7.87
C PRO A 62 30.77 13.28 8.53
N CYS A 63 29.58 13.88 8.60
CA CYS A 63 29.45 15.17 9.27
C CYS A 63 29.74 15.04 10.77
N ALA A 64 29.27 13.96 11.39
CA ALA A 64 29.56 13.73 12.80
C ALA A 64 31.05 13.55 13.02
N ILE A 65 31.72 12.84 12.11
CA ILE A 65 33.17 12.68 12.21
C ILE A 65 33.85 14.04 12.07
N ALA A 66 33.39 14.85 11.11
CA ALA A 66 33.93 16.19 10.94
C ALA A 66 33.65 17.09 12.14
N LEU A 67 32.73 16.71 13.02
CA LEU A 67 32.38 17.53 14.18
C LEU A 67 32.83 16.88 15.49
N ASN A 68 33.79 15.96 15.42
CA ASN A 68 34.42 15.34 16.58
C ASN A 68 33.44 14.61 17.50
N ILE A 69 32.34 14.09 16.95
CA ILE A 69 31.50 13.20 17.73
C ILE A 69 32.26 11.90 17.98
N GLN A 70 32.10 11.32 19.17
CA GLN A 70 32.83 10.12 19.50
C GLN A 70 32.32 8.95 18.66
N ALA A 71 33.21 8.39 17.84
CA ALA A 71 32.84 7.29 16.95
C ALA A 71 32.87 5.93 17.62
N ASN A 72 33.35 5.84 18.86
CA ASN A 72 33.43 4.57 19.56
C ASN A 72 32.15 4.33 20.38
N GLY A 73 32.10 3.18 21.04
CA GLY A 73 30.97 2.82 21.86
C GLY A 73 31.08 3.37 23.28
N PRO A 74 30.29 2.80 24.19
CA PRO A 74 30.32 3.27 25.58
C PRO A 74 31.57 2.80 26.32
N GLN A 75 31.66 3.12 27.61
CA GLN A 75 32.80 2.73 28.43
C GLN A 75 32.53 1.37 29.05
N ILE A 76 33.46 0.91 29.90
CA ILE A 76 33.36 -0.38 30.56
C ILE A 76 33.25 -0.12 32.07
N ALA A 77 32.21 -0.66 32.68
CA ALA A 77 32.01 -0.52 34.11
C ALA A 77 32.98 -1.42 34.87
N PRO A 78 33.44 -0.98 36.05
CA PRO A 78 34.32 -1.84 36.85
C PRO A 78 33.59 -3.10 37.28
N PRO A 79 34.30 -4.22 37.39
CA PRO A 79 33.63 -5.47 37.76
C PRO A 79 33.17 -5.45 39.21
N ASN A 80 31.98 -6.02 39.44
CA ASN A 80 31.42 -6.14 40.78
C ASN A 80 30.32 -7.18 40.73
N ALA A 81 30.45 -8.24 41.53
CA ALA A 81 29.48 -9.33 41.50
C ALA A 81 28.10 -8.87 42.00
N ILE A 82 28.08 -8.20 43.15
CA ILE A 82 26.81 -7.77 43.72
C ILE A 82 26.14 -6.73 42.83
N LEU A 83 26.92 -5.77 42.32
CA LEU A 83 26.35 -4.76 41.44
C LEU A 83 25.82 -5.37 40.14
N GLU A 84 26.55 -6.32 39.58
CA GLU A 84 26.08 -6.99 38.36
C GLU A 84 24.81 -7.78 38.63
N LYS A 85 24.74 -8.48 39.76
CA LYS A 85 23.55 -9.23 40.10
C LYS A 85 22.35 -8.31 40.29
N VAL A 86 22.54 -7.19 40.96
CA VAL A 86 21.45 -6.22 41.14
C VAL A 86 21.01 -5.65 39.80
N PHE A 87 21.97 -5.29 38.94
CA PHE A 87 21.62 -4.72 37.64
C PHE A 87 20.87 -5.72 36.77
N THR A 88 21.29 -6.98 36.78
CA THR A 88 20.62 -7.99 35.97
C THR A 88 19.27 -8.42 36.55
N ALA A 89 19.11 -8.33 37.87
CA ALA A 89 17.91 -8.84 38.54
C ALA A 89 16.98 -7.74 39.02
N ILE A 90 17.48 -6.79 39.82
CA ILE A 90 16.60 -5.85 40.52
C ILE A 90 16.07 -4.80 39.55
N THR A 91 16.96 -3.99 38.99
CA THR A 91 16.57 -2.87 38.14
C THR A 91 17.81 -2.38 37.41
N LYS A 92 17.60 -1.41 36.51
CA LYS A 92 18.68 -0.82 35.72
C LYS A 92 18.88 0.66 35.97
N HIS A 93 17.88 1.37 36.48
CA HIS A 93 17.96 2.81 36.73
C HIS A 93 17.55 3.07 38.18
N PRO A 94 18.47 2.91 39.13
CA PRO A 94 18.12 3.10 40.53
C PRO A 94 17.77 4.54 40.85
N ASP A 95 16.85 4.71 41.78
CA ASP A 95 16.46 6.03 42.26
C ASP A 95 17.29 6.39 43.49
N GLU A 96 16.91 7.48 44.17
CA GLU A 96 17.63 7.89 45.37
C GLU A 96 17.48 6.85 46.48
N LYS A 97 16.26 6.35 46.69
CA LYS A 97 16.06 5.31 47.70
C LYS A 97 16.78 4.02 47.30
N ARG A 98 16.74 3.65 46.03
CA ARG A 98 17.46 2.46 45.58
C ARG A 98 18.97 2.64 45.73
N LEU A 99 19.48 3.84 45.44
CA LEU A 99 20.90 4.10 45.63
C LEU A 99 21.29 4.01 47.10
N GLU A 100 20.44 4.55 47.98
CA GLU A 100 20.72 4.46 49.41
C GLU A 100 20.70 3.01 49.89
N GLY A 101 19.74 2.23 49.42
CA GLY A 101 19.70 0.81 49.78
C GLY A 101 20.91 0.04 49.28
N LEU A 102 21.33 0.32 48.05
CA LEU A 102 22.53 -0.35 47.52
C LEU A 102 23.78 0.07 48.28
N SER A 103 23.88 1.34 48.66
CA SER A 103 25.02 1.79 49.46
C SER A 103 25.03 1.12 50.83
N LYS A 104 23.85 0.97 51.45
CA LYS A 104 23.77 0.30 52.74
C LYS A 104 24.13 -1.17 52.62
N GLN A 105 23.69 -1.84 51.55
CA GLN A 105 23.95 -3.27 51.41
C GLN A 105 25.40 -3.54 51.07
N LEU A 106 25.96 -2.78 50.14
CA LEU A 106 27.32 -3.00 49.66
C LEU A 106 28.38 -2.35 50.54
N ASP A 107 27.98 -1.47 51.46
CA ASP A 107 28.91 -0.69 52.28
C ASP A 107 29.88 0.10 51.42
N TRP A 108 29.35 0.71 50.35
CA TRP A 108 30.13 1.52 49.43
C TRP A 108 29.49 2.90 49.30
N ASP A 109 30.27 3.85 48.81
CA ASP A 109 29.77 5.20 48.62
C ASP A 109 28.71 5.23 47.53
N VAL A 110 27.77 6.18 47.68
CA VAL A 110 26.68 6.31 46.71
C VAL A 110 27.21 6.75 45.35
N ARG A 111 28.26 7.58 45.33
CA ARG A 111 28.79 8.08 44.07
C ARG A 111 29.34 6.95 43.20
N SER A 112 30.05 6.00 43.80
CA SER A 112 30.62 4.90 43.02
C SER A 112 29.52 4.03 42.42
N ILE A 113 28.49 3.71 43.20
CA ILE A 113 27.40 2.89 42.69
C ILE A 113 26.63 3.63 41.60
N GLN A 114 26.39 4.93 41.80
CA GLN A 114 25.72 5.73 40.78
C GLN A 114 26.53 5.78 39.49
N ARG A 115 27.84 5.95 39.59
CA ARG A 115 28.69 5.97 38.40
C ARG A 115 28.68 4.62 37.70
N TRP A 116 28.72 3.52 38.47
CA TRP A 116 28.69 2.19 37.87
C TRP A 116 27.37 1.96 37.13
N PHE A 117 26.25 2.34 37.74
CA PHE A 117 24.97 2.16 37.09
C PHE A 117 24.80 3.08 35.88
N ARG A 118 25.36 4.29 35.94
CA ARG A 118 25.35 5.17 34.78
C ARG A 118 26.15 4.57 33.64
N GLN A 119 27.32 3.99 33.94
CA GLN A 119 28.12 3.33 32.91
C GLN A 119 27.37 2.15 32.32
N ARG A 120 26.70 1.35 33.16
CA ARG A 120 25.92 0.23 32.65
C ARG A 120 24.77 0.71 31.76
N ARG A 121 24.09 1.78 32.16
CA ARG A 121 23.02 2.33 31.33
C ARG A 121 23.55 2.84 30.00
N ASN A 122 24.71 3.50 30.01
CA ASN A 122 25.34 3.93 28.77
C ASN A 122 25.70 2.72 27.89
N GLN A 123 26.13 1.63 28.51
CA GLN A 123 26.36 0.40 27.76
C GLN A 123 25.07 -0.09 27.12
N GLU A 124 23.96 -0.04 27.85
CA GLU A 124 22.68 -0.44 27.27
C GLU A 124 22.14 0.61 26.30
N LYS A 125 22.48 1.89 26.51
CA LYS A 125 21.98 2.94 25.65
C LYS A 125 22.78 3.00 24.36
N PRO A 126 22.16 3.48 23.27
CA PRO A 126 22.90 3.64 22.01
C PRO A 126 23.95 4.72 22.11
N SER A 127 24.95 4.61 21.23
CA SER A 127 26.05 5.56 21.20
C SER A 127 25.58 6.93 20.71
N THR A 128 26.42 7.93 20.96
CA THR A 128 26.08 9.31 20.58
C THR A 128 26.02 9.48 19.06
N LEU A 129 26.79 8.68 18.32
CA LEU A 129 26.82 8.82 16.87
C LEU A 129 25.46 8.53 16.25
N THR A 130 24.83 7.42 16.65
CA THR A 130 23.54 7.06 16.09
C THR A 130 22.47 8.07 16.47
N ARG A 131 22.49 8.55 17.72
CA ARG A 131 21.52 9.56 18.12
C ARG A 131 21.71 10.85 17.35
N PHE A 132 22.96 11.25 17.10
CA PHE A 132 23.22 12.44 16.31
C PHE A 132 22.71 12.29 14.88
N CYS A 133 22.96 11.13 14.27
CA CYS A 133 22.49 10.90 12.90
C CYS A 133 20.97 10.91 12.83
N GLU A 134 20.30 10.25 13.79
CA GLU A 134 18.85 10.23 13.80
C GLU A 134 18.28 11.63 14.02
N SER A 135 18.89 12.40 14.92
CA SER A 135 18.42 13.77 15.15
C SER A 135 18.61 14.62 13.90
N MET A 136 19.72 14.45 13.19
CA MET A 136 19.92 15.21 11.95
C MET A 136 18.88 14.85 10.91
N TRP A 137 18.57 13.56 10.76
CA TRP A 137 17.53 13.16 9.82
C TRP A 137 16.18 13.73 10.20
N ARG A 138 15.83 13.66 11.49
CA ARG A 138 14.57 14.21 11.95
C ARG A 138 14.50 15.72 11.71
N PHE A 139 15.60 16.43 11.98
CA PHE A 139 15.63 17.87 11.74
C PHE A 139 15.39 18.19 10.27
N SER A 140 16.08 17.48 9.38
CA SER A 140 15.93 17.75 7.95
C SER A 140 14.50 17.48 7.49
N PHE A 141 13.92 16.36 7.93
CA PHE A 141 12.57 16.01 7.49
C PHE A 141 11.53 16.97 8.06
N TYR A 142 11.66 17.34 9.33
CA TYR A 142 10.71 18.26 9.94
C TYR A 142 10.82 19.65 9.32
N LEU A 143 12.04 20.09 9.00
CA LEU A 143 12.19 21.38 8.35
C LEU A 143 11.57 21.38 6.96
N TYR A 144 11.76 20.30 6.20
CA TYR A 144 11.13 20.20 4.88
C TYR A 144 9.61 20.21 5.00
N VAL A 145 9.06 19.43 5.93
CA VAL A 145 7.61 19.32 6.06
C VAL A 145 7.01 20.65 6.51
N PHE A 146 7.64 21.31 7.50
CA PHE A 146 7.13 22.61 7.94
C PHE A 146 7.20 23.64 6.82
N THR A 147 8.28 23.65 6.04
CA THR A 147 8.40 24.66 5.00
C THR A 147 7.37 24.42 3.90
N TYR A 148 7.16 23.16 3.51
CA TYR A 148 6.14 22.85 2.51
C TYR A 148 4.74 23.18 3.02
N GLY A 149 4.46 22.89 4.30
CA GLY A 149 3.18 23.25 4.86
C GLY A 149 2.94 24.75 4.90
N VAL A 150 3.98 25.53 5.20
CA VAL A 150 3.84 26.99 5.19
C VAL A 150 3.57 27.47 3.77
N ARG A 151 4.32 26.95 2.80
CA ARG A 151 4.13 27.37 1.40
C ARG A 151 2.74 27.00 0.91
N PHE A 152 2.23 25.84 1.31
CA PHE A 152 0.90 25.43 0.90
C PHE A 152 -0.18 26.27 1.57
N LEU A 153 -0.03 26.55 2.87
CA LEU A 153 -1.07 27.24 3.61
C LEU A 153 -1.11 28.74 3.33
N LYS A 154 0.01 29.31 2.86
CA LYS A 154 0.04 30.76 2.65
C LYS A 154 -0.97 31.21 1.60
N LYS A 155 -1.38 30.32 0.69
CA LYS A 155 -2.29 30.65 -0.39
C LYS A 155 -3.72 30.17 -0.15
N THR A 156 -3.95 29.32 0.85
CA THR A 156 -5.28 28.78 1.08
C THR A 156 -6.17 29.81 1.78
N PRO A 157 -7.48 29.76 1.52
CA PRO A 157 -8.39 30.73 2.16
C PRO A 157 -8.83 30.39 3.57
N TRP A 158 -8.37 29.29 4.17
CA TRP A 158 -8.89 28.89 5.47
C TRP A 158 -7.91 29.14 6.60
N LEU A 159 -6.66 29.51 6.29
CA LEU A 159 -5.71 29.82 7.35
C LEU A 159 -6.08 31.12 8.07
N TRP A 160 -6.56 32.11 7.31
CA TRP A 160 -6.99 33.37 7.92
C TRP A 160 -8.37 33.28 8.55
N ASN A 161 -9.33 32.67 7.87
CA ASN A 161 -10.66 32.43 8.41
C ASN A 161 -10.88 30.94 8.58
N THR A 162 -11.17 30.51 9.81
CA THR A 162 -11.31 29.09 10.12
C THR A 162 -12.65 28.52 9.72
N ARG A 163 -13.60 29.36 9.27
CA ARG A 163 -14.89 28.88 8.81
C ARG A 163 -14.89 28.56 7.33
N HIS A 164 -13.71 28.37 6.72
CA HIS A 164 -13.58 28.02 5.32
C HIS A 164 -13.06 26.61 5.14
N CYS A 165 -13.05 25.82 6.21
CA CYS A 165 -12.76 24.40 6.12
C CYS A 165 -14.02 23.58 5.94
N TRP A 166 -15.18 24.19 6.20
CA TRP A 166 -16.48 23.54 6.12
C TRP A 166 -17.39 24.30 5.16
N TYR A 167 -16.78 24.91 4.13
CA TYR A 167 -17.52 25.81 3.25
C TYR A 167 -18.61 25.05 2.49
N ASN A 168 -18.21 24.06 1.70
CA ASN A 168 -19.12 23.38 0.78
C ASN A 168 -19.18 21.89 1.09
N TYR A 169 -19.01 21.55 2.36
CA TYR A 169 -18.95 20.16 2.79
C TYR A 169 -20.23 19.44 2.38
N PRO A 170 -20.15 18.24 1.80
CA PRO A 170 -18.96 17.43 1.51
C PRO A 170 -18.33 17.68 0.15
N TYR A 171 -18.81 18.66 -0.63
CA TYR A 171 -18.34 18.83 -2.00
C TYR A 171 -17.18 19.81 -2.03
N GLN A 172 -16.02 19.31 -1.65
CA GLN A 172 -14.75 20.04 -1.71
C GLN A 172 -13.80 19.21 -2.56
N PRO A 173 -13.41 19.67 -3.74
CA PRO A 173 -12.52 18.86 -4.58
C PRO A 173 -11.14 18.69 -3.96
N LEU A 174 -10.49 17.60 -4.35
CA LEU A 174 -9.16 17.27 -3.85
C LEU A 174 -8.11 17.82 -4.80
N THR A 175 -7.21 18.64 -4.27
CA THR A 175 -6.13 19.23 -5.05
C THR A 175 -4.87 18.38 -4.93
N THR A 176 -3.93 18.63 -5.83
CA THR A 176 -2.67 17.89 -5.81
C THR A 176 -1.85 18.22 -4.57
N ASP A 177 -1.83 19.49 -4.16
CA ASP A 177 -1.02 19.89 -3.01
C ASP A 177 -1.53 19.25 -1.73
N LEU A 178 -2.84 19.26 -1.51
CA LEU A 178 -3.41 18.67 -0.30
C LEU A 178 -3.18 17.16 -0.26
N HIS A 179 -3.37 16.49 -1.39
CA HIS A 179 -3.12 15.05 -1.45
C HIS A 179 -1.66 14.73 -1.18
N TYR A 180 -0.74 15.51 -1.78
CA TYR A 180 0.68 15.28 -1.54
C TYR A 180 1.04 15.51 -0.08
N TYR A 181 0.50 16.56 0.53
CA TYR A 181 0.78 16.85 1.94
C TYR A 181 0.30 15.71 2.84
N TYR A 182 -0.93 15.26 2.62
CA TYR A 182 -1.49 14.19 3.45
C TYR A 182 -0.72 12.88 3.27
N ILE A 183 -0.40 12.53 2.03
CA ILE A 183 0.32 11.29 1.77
C ILE A 183 1.73 11.37 2.36
N LEU A 184 2.38 12.53 2.26
CA LEU A 184 3.72 12.70 2.84
C LEU A 184 3.69 12.56 4.35
N GLU A 185 2.69 13.16 5.01
CA GLU A 185 2.60 13.05 6.46
C GLU A 185 2.32 11.61 6.89
N LEU A 186 1.36 10.95 6.22
CA LEU A 186 1.03 9.58 6.60
C LEU A 186 2.22 8.66 6.33
N SER A 187 2.94 8.89 5.24
CA SER A 187 4.13 8.10 4.93
C SER A 187 5.21 8.28 5.99
N PHE A 188 5.41 9.52 6.44
CA PHE A 188 6.40 9.74 7.49
C PHE A 188 6.01 9.07 8.80
N TYR A 189 4.72 9.12 9.16
CA TYR A 189 4.30 8.47 10.38
C TYR A 189 4.41 6.95 10.28
N TRP A 190 4.11 6.38 9.11
CA TRP A 190 4.31 4.94 8.94
C TRP A 190 5.79 4.59 8.93
N SER A 191 6.65 5.47 8.43
CA SER A 191 8.09 5.23 8.51
C SER A 191 8.57 5.22 9.96
N LEU A 192 8.05 6.13 10.78
CA LEU A 192 8.35 6.10 12.22
C LEU A 192 7.85 4.81 12.86
N MET A 193 6.67 4.33 12.43
CA MET A 193 6.17 3.06 12.92
C MET A 193 7.13 1.92 12.58
N PHE A 194 7.46 1.77 11.30
CA PHE A 194 8.36 0.71 10.87
C PHE A 194 9.70 0.78 11.60
N SER A 195 10.20 2.00 11.83
CA SER A 195 11.44 2.17 12.59
C SER A 195 11.29 1.76 14.05
N GLN A 196 10.10 1.93 14.62
CA GLN A 196 9.93 1.66 16.05
C GLN A 196 9.63 0.20 16.35
N PHE A 197 8.79 -0.45 15.54
CA PHE A 197 8.50 -1.86 15.73
C PHE A 197 9.65 -2.77 15.34
N THR A 198 10.56 -2.31 14.48
CA THR A 198 11.71 -3.12 14.10
C THR A 198 13.03 -2.70 14.74
N ASP A 199 13.57 -1.56 14.31
CA ASP A 199 14.86 -1.09 14.80
C ASP A 199 14.86 -0.76 16.29
N ILE A 200 13.75 -0.25 16.82
CA ILE A 200 13.77 0.23 18.19
C ILE A 200 12.69 -0.45 19.03
N LYS A 201 12.47 -1.75 18.78
CA LYS A 201 11.50 -2.49 19.57
C LYS A 201 12.00 -2.74 21.00
N ARG A 202 13.22 -2.32 21.30
CA ARG A 202 13.81 -2.42 22.62
C ARG A 202 14.22 -1.04 23.16
N LYS A 203 13.40 -0.02 22.91
CA LYS A 203 13.75 1.31 23.39
C LYS A 203 12.58 2.07 23.99
N ASP A 204 11.53 2.33 23.23
CA ASP A 204 10.42 3.12 23.73
C ASP A 204 9.12 2.66 23.08
N PHE A 205 8.08 2.54 23.91
CA PHE A 205 6.75 2.08 23.51
C PHE A 205 5.72 2.66 24.46
N GLY A 206 5.77 3.97 24.69
CA GLY A 206 4.81 4.60 25.57
C GLY A 206 4.08 5.81 25.03
N ILE A 207 4.47 7.00 25.48
CA ILE A 207 3.76 8.22 25.09
C ILE A 207 3.95 8.53 23.60
N MET A 208 5.12 8.21 23.04
CA MET A 208 5.30 8.53 21.62
C MET A 208 4.73 7.46 20.71
N PHE A 209 4.47 6.26 21.22
CA PHE A 209 3.80 5.26 20.40
C PHE A 209 2.30 5.52 20.38
N LEU A 210 1.73 5.89 21.53
CA LEU A 210 0.35 6.33 21.56
C LEU A 210 0.17 7.57 20.71
N HIS A 211 1.12 8.50 20.76
CA HIS A 211 1.03 9.70 19.94
C HIS A 211 1.04 9.36 18.45
N HIS A 212 1.94 8.47 18.04
CA HIS A 212 1.99 8.06 16.64
C HIS A 212 0.70 7.39 16.21
N LEU A 213 0.20 6.45 17.02
CA LEU A 213 -1.05 5.75 16.69
C LEU A 213 -2.21 6.73 16.54
N VAL A 214 -2.32 7.68 17.47
CA VAL A 214 -3.40 8.66 17.40
C VAL A 214 -3.26 9.54 16.17
N SER A 215 -2.03 9.94 15.83
CA SER A 215 -1.82 10.76 14.66
C SER A 215 -2.23 10.02 13.38
N ILE A 216 -1.85 8.75 13.27
CA ILE A 216 -2.22 7.97 12.09
C ILE A 216 -3.73 7.76 12.03
N PHE A 217 -4.36 7.50 13.18
CA PHE A 217 -5.81 7.37 13.23
C PHE A 217 -6.49 8.62 12.71
N LEU A 218 -6.07 9.79 13.22
CA LEU A 218 -6.70 11.03 12.85
C LEU A 218 -6.47 11.35 11.38
N ILE A 219 -5.24 11.22 10.90
CA ILE A 219 -4.93 11.53 9.50
C ILE A 219 -5.72 10.64 8.56
N THR A 220 -5.85 9.34 8.89
CA THR A 220 -6.56 8.44 7.99
C THR A 220 -8.04 8.76 7.97
N PHE A 221 -8.67 8.84 9.14
CA PHE A 221 -10.12 8.97 9.17
C PHE A 221 -10.59 10.36 8.80
N SER A 222 -9.76 11.39 9.03
CA SER A 222 -10.05 12.70 8.46
C SER A 222 -9.90 12.73 6.95
N TYR A 223 -8.89 12.03 6.40
CA TYR A 223 -8.77 11.99 4.95
C TYR A 223 -9.93 11.25 4.28
N VAL A 224 -10.43 10.18 4.91
CA VAL A 224 -11.53 9.44 4.28
C VAL A 224 -12.84 10.23 4.36
N ASN A 225 -13.00 11.05 5.39
CA ASN A 225 -14.24 11.76 5.68
C ASN A 225 -14.34 13.12 5.00
N ASN A 226 -13.36 13.48 4.17
CA ASN A 226 -13.27 14.80 3.53
C ASN A 226 -13.16 15.93 4.56
N MET A 227 -12.52 15.64 5.69
CA MET A 227 -12.28 16.62 6.74
C MET A 227 -10.77 16.82 6.82
N ALA A 228 -10.21 17.38 5.75
CA ALA A 228 -8.77 17.52 5.59
C ALA A 228 -8.31 18.97 5.55
N ARG A 229 -9.22 19.92 5.39
CA ARG A 229 -8.83 21.32 5.37
C ARG A 229 -8.42 21.78 6.77
N VAL A 230 -9.11 21.29 7.80
CA VAL A 230 -8.72 21.56 9.19
C VAL A 230 -7.54 20.72 9.65
N GLY A 231 -7.26 19.59 8.99
CA GLY A 231 -6.11 18.79 9.38
C GLY A 231 -4.78 19.38 8.97
N THR A 232 -4.75 20.14 7.88
CA THR A 232 -3.51 20.80 7.46
C THR A 232 -3.08 21.84 8.49
N LEU A 233 -4.05 22.52 9.10
CA LEU A 233 -3.73 23.53 10.10
C LEU A 233 -3.12 22.88 11.35
N VAL A 234 -3.60 21.70 11.72
CA VAL A 234 -3.03 20.98 12.85
C VAL A 234 -1.65 20.46 12.51
N LEU A 235 -1.47 19.89 11.31
CA LEU A 235 -0.16 19.36 10.93
C LEU A 235 0.89 20.47 10.87
N CYS A 236 0.52 21.63 10.31
CA CYS A 236 1.49 22.71 10.22
C CYS A 236 1.72 23.36 11.58
N LEU A 237 0.72 23.35 12.46
CA LEU A 237 0.94 23.96 13.76
C LEU A 237 1.87 23.07 14.59
N HIS A 238 1.63 21.76 14.55
CA HIS A 238 2.42 20.84 15.37
C HIS A 238 3.84 20.69 14.86
N ASP A 239 4.06 20.79 13.55
CA ASP A 239 5.42 20.61 13.04
C ASP A 239 6.27 21.87 13.13
N SER A 240 5.76 22.94 13.74
CA SER A 240 6.54 24.17 13.87
C SER A 240 7.64 24.01 14.92
N ALA A 241 7.34 23.36 16.04
CA ALA A 241 8.28 23.25 17.15
C ALA A 241 9.19 22.03 17.06
N ASP A 242 8.83 21.03 16.25
CA ASP A 242 9.66 19.83 16.14
C ASP A 242 10.94 20.05 15.36
N ALA A 243 11.09 21.18 14.67
CA ALA A 243 12.30 21.47 13.92
C ALA A 243 13.38 22.15 14.77
N LEU A 244 13.07 22.53 16.00
CA LEU A 244 14.04 23.16 16.89
C LEU A 244 14.57 22.21 17.96
N LEU A 245 13.77 21.24 18.40
CA LEU A 245 14.25 20.27 19.37
C LEU A 245 15.39 19.43 18.80
N GLU A 246 15.28 19.04 17.53
CA GLU A 246 16.35 18.27 16.91
C GLU A 246 17.63 19.09 16.78
N ALA A 247 17.50 20.38 16.45
CA ALA A 247 18.68 21.24 16.41
C ALA A 247 19.31 21.40 17.78
N ALA A 248 18.48 21.52 18.82
CA ALA A 248 19.00 21.59 20.19
C ALA A 248 19.73 20.30 20.56
N LYS A 249 19.17 19.15 20.19
CA LYS A 249 19.85 17.88 20.46
C LYS A 249 21.17 17.78 19.70
N MET A 250 21.20 18.22 18.44
CA MET A 250 22.45 18.22 17.69
C MET A 250 23.50 19.11 18.33
N ALA A 251 23.08 20.30 18.81
CA ALA A 251 24.01 21.18 19.50
C ALA A 251 24.51 20.54 20.79
N ASN A 252 23.64 19.82 21.50
CA ASN A 252 24.04 19.13 22.71
C ASN A 252 25.08 18.05 22.43
N TYR A 253 24.86 17.26 21.36
CA TYR A 253 25.73 16.11 21.10
C TYR A 253 27.12 16.51 20.64
N ALA A 254 27.31 17.74 20.18
CA ALA A 254 28.62 18.24 19.81
C ALA A 254 29.32 18.94 20.98
N LYS A 255 28.73 18.91 22.17
CA LYS A 255 29.21 19.55 23.39
C LYS A 255 29.11 21.07 23.33
N PHE A 256 28.24 21.60 22.47
CA PHE A 256 27.95 23.02 22.42
C PHE A 256 26.81 23.29 23.40
N GLN A 257 27.10 23.97 24.51
CA GLN A 257 26.04 24.23 25.48
C GLN A 257 25.40 25.60 25.33
N LYS A 258 26.09 26.58 24.75
CA LYS A 258 25.50 27.90 24.60
C LYS A 258 24.43 27.87 23.52
N MET A 259 24.75 27.26 22.38
CA MET A 259 23.78 27.13 21.30
C MET A 259 22.65 26.19 21.72
N CYS A 260 22.98 25.12 22.46
CA CYS A 260 21.95 24.20 22.89
C CYS A 260 20.96 24.90 23.82
N ASP A 261 21.47 25.72 24.74
CA ASP A 261 20.60 26.47 25.63
C ASP A 261 19.73 27.47 24.87
N LEU A 262 20.33 28.19 23.91
CA LEU A 262 19.55 29.15 23.13
C LEU A 262 18.45 28.45 22.32
N LEU A 263 18.83 27.43 21.54
CA LEU A 263 17.86 26.69 20.76
C LEU A 263 16.79 26.03 21.62
N PHE A 264 17.12 25.60 22.84
CA PHE A 264 16.09 25.03 23.68
C PHE A 264 15.17 26.09 24.28
N VAL A 265 15.67 27.29 24.56
CA VAL A 265 14.78 28.35 25.00
C VAL A 265 13.84 28.73 23.87
N MET A 266 14.33 28.69 22.62
CA MET A 266 13.48 29.03 21.49
C MET A 266 12.47 27.93 21.23
N PHE A 267 12.89 26.67 21.33
CA PHE A 267 11.97 25.56 21.16
C PHE A 267 10.89 25.58 22.23
N ALA A 268 11.27 25.89 23.48
CA ALA A 268 10.27 25.96 24.54
C ALA A 268 9.26 27.07 24.28
N VAL A 269 9.74 28.24 23.85
CA VAL A 269 8.82 29.35 23.56
C VAL A 269 7.87 28.97 22.44
N VAL A 270 8.40 28.42 21.35
CA VAL A 270 7.55 28.06 20.20
C VAL A 270 6.56 26.97 20.58
N PHE A 271 7.04 25.96 21.32
CA PHE A 271 6.18 24.85 21.72
C PHE A 271 5.01 25.34 22.59
N ILE A 272 5.32 26.14 23.61
CA ILE A 272 4.27 26.64 24.48
C ILE A 272 3.29 27.52 23.71
N THR A 273 3.81 28.45 22.91
CA THR A 273 2.96 29.38 22.19
C THR A 273 2.04 28.66 21.21
N THR A 274 2.58 27.71 20.44
CA THR A 274 1.77 27.06 19.42
C THR A 274 0.82 26.03 20.00
N ARG A 275 1.27 25.22 20.96
CA ARG A 275 0.48 24.09 21.42
C ARG A 275 -0.26 24.34 22.73
N LEU A 276 -0.23 25.58 23.26
CA LEU A 276 -1.02 25.87 24.44
C LEU A 276 -1.83 27.15 24.25
N GLY A 277 -1.34 28.06 23.41
CA GLY A 277 -2.03 29.31 23.21
C GLY A 277 -2.83 29.37 21.92
N ILE A 278 -2.24 28.86 20.84
CA ILE A 278 -2.88 28.89 19.52
C ILE A 278 -3.79 27.69 19.31
N PHE A 279 -3.26 26.48 19.55
CA PHE A 279 -4.01 25.28 19.24
C PHE A 279 -5.38 25.21 19.91
N PRO A 280 -5.53 25.37 21.23
CA PRO A 280 -6.86 25.15 21.81
C PRO A 280 -7.86 26.20 21.38
N LEU A 281 -7.44 27.46 21.39
CA LEU A 281 -8.32 28.59 21.13
C LEU A 281 -8.72 28.66 19.67
N TRP A 282 -7.85 28.26 18.77
CA TRP A 282 -8.09 28.40 17.34
C TRP A 282 -8.59 27.09 16.70
N VAL A 283 -7.87 25.99 16.89
CA VAL A 283 -8.32 24.73 16.29
C VAL A 283 -9.46 24.10 17.08
N LEU A 284 -9.42 24.09 18.42
CA LEU A 284 -10.56 23.46 19.06
C LEU A 284 -11.79 24.35 18.96
N ASN A 285 -11.59 25.65 18.68
CA ASN A 285 -12.74 26.50 18.42
C ASN A 285 -13.37 26.11 17.09
N THR A 286 -12.53 25.94 16.05
CA THR A 286 -13.12 25.64 14.75
C THR A 286 -13.68 24.23 14.71
N THR A 287 -13.22 23.36 15.62
CA THR A 287 -13.57 21.94 15.60
C THR A 287 -14.79 21.63 16.47
N LEU A 288 -14.79 22.11 17.74
CA LEU A 288 -15.88 21.77 18.64
C LEU A 288 -17.19 22.47 18.28
N PHE A 289 -17.13 23.73 17.85
CA PHE A 289 -18.34 24.51 17.67
C PHE A 289 -18.63 24.86 16.22
N GLU A 290 -17.67 25.42 15.48
CA GLU A 290 -17.95 25.83 14.11
C GLU A 290 -18.26 24.62 13.22
N SER A 291 -17.50 23.54 13.38
CA SER A 291 -17.74 22.34 12.59
C SER A 291 -19.16 21.82 12.78
N TRP A 292 -19.65 21.83 14.02
CA TRP A 292 -20.98 21.29 14.28
C TRP A 292 -22.07 22.27 13.87
N GLU A 293 -21.77 23.57 13.88
CA GLU A 293 -22.73 24.57 13.43
C GLU A 293 -22.91 24.52 11.91
N ILE A 294 -21.82 24.67 11.16
CA ILE A 294 -21.91 24.68 9.70
C ILE A 294 -22.25 23.30 9.13
N VAL A 295 -21.58 22.26 9.62
CA VAL A 295 -21.77 20.95 8.99
C VAL A 295 -23.05 20.27 9.50
N GLY A 296 -23.46 20.56 10.72
CA GLY A 296 -24.59 19.91 11.33
C GLY A 296 -24.19 18.87 12.36
N PRO A 297 -25.17 18.08 12.82
CA PRO A 297 -24.90 17.02 13.80
C PRO A 297 -24.37 15.74 13.17
N TYR A 298 -23.09 15.45 13.42
CA TYR A 298 -22.52 14.18 12.99
C TYR A 298 -22.05 13.44 14.24
N PRO A 299 -22.18 12.11 14.29
CA PRO A 299 -21.67 11.37 15.44
C PRO A 299 -20.17 11.14 15.47
N SER A 300 -19.49 11.20 14.32
CA SER A 300 -18.04 11.07 14.33
C SER A 300 -17.37 12.17 15.14
N TRP A 301 -18.08 13.27 15.38
CA TRP A 301 -17.55 14.34 16.22
C TRP A 301 -17.16 13.84 17.60
N TRP A 302 -17.88 12.82 18.10
CA TRP A 302 -17.57 12.30 19.43
C TRP A 302 -16.26 11.54 19.41
N VAL A 303 -15.91 10.98 18.26
CA VAL A 303 -14.63 10.31 18.15
C VAL A 303 -13.52 11.33 17.91
N PHE A 304 -13.76 12.32 17.04
CA PHE A 304 -12.63 13.17 16.63
C PHE A 304 -12.21 14.17 17.71
N ASN A 305 -13.17 14.76 18.41
CA ASN A 305 -12.79 15.80 19.37
C ASN A 305 -12.13 15.20 20.59
N LEU A 306 -12.62 14.04 21.03
CA LEU A 306 -11.97 13.36 22.14
C LEU A 306 -10.51 13.08 21.78
N LEU A 307 -10.28 12.58 20.57
CA LEU A 307 -8.91 12.31 20.17
C LEU A 307 -8.09 13.58 20.17
N LEU A 308 -8.62 14.67 19.61
CA LEU A 308 -7.87 15.91 19.65
C LEU A 308 -7.65 16.39 21.07
N LEU A 309 -8.62 16.13 21.96
CA LEU A 309 -8.40 16.47 23.37
C LEU A 309 -7.33 15.58 23.96
N LEU A 310 -7.31 14.31 23.56
CA LEU A 310 -6.22 13.44 23.97
C LEU A 310 -4.89 14.04 23.57
N VAL A 311 -4.76 14.42 22.29
CA VAL A 311 -3.52 15.05 21.84
C VAL A 311 -3.17 16.24 22.70
N GLN A 312 -4.18 17.03 23.08
CA GLN A 312 -3.91 18.22 23.87
C GLN A 312 -3.40 17.84 25.24
N GLY A 313 -3.95 16.77 25.82
CA GLY A 313 -3.44 16.31 27.09
C GLY A 313 -1.98 15.91 26.98
N LEU A 314 -1.66 15.11 25.95
CA LEU A 314 -0.27 14.77 25.70
C LEU A 314 0.59 16.03 25.61
N ASN A 315 0.09 17.05 24.90
CA ASN A 315 0.92 18.21 24.65
C ASN A 315 0.90 19.17 25.81
N CYS A 316 0.27 18.77 26.90
CA CYS A 316 0.35 19.49 28.16
C CYS A 316 1.28 18.78 29.14
N PHE A 317 1.30 17.44 29.09
CA PHE A 317 2.28 16.71 29.88
C PHE A 317 3.69 17.05 29.46
N TRP A 318 3.98 16.94 28.16
CA TRP A 318 5.32 17.24 27.69
C TRP A 318 5.70 18.67 28.01
N SER A 319 4.73 19.54 28.26
CA SER A 319 5.07 20.94 28.46
C SER A 319 5.47 21.19 29.89
N TYR A 320 4.94 20.38 30.80
CA TYR A 320 5.47 20.41 32.15
C TYR A 320 6.90 19.93 32.12
N LEU A 321 7.17 18.88 31.32
CA LEU A 321 8.52 18.35 31.25
C LEU A 321 9.45 19.41 30.71
N ILE A 322 8.92 20.31 29.88
CA ILE A 322 9.75 21.31 29.24
C ILE A 322 9.97 22.47 30.21
N VAL A 323 8.91 22.86 30.92
CA VAL A 323 8.99 24.02 31.81
C VAL A 323 10.05 23.80 32.89
N LYS A 324 10.32 22.56 33.27
CA LYS A 324 11.36 22.35 34.27
C LYS A 324 12.76 22.39 33.64
N ILE A 325 12.92 21.82 32.44
CA ILE A 325 14.20 21.92 31.76
C ILE A 325 14.55 23.38 31.48
N ALA A 326 13.56 24.17 31.10
CA ALA A 326 13.82 25.58 30.85
C ALA A 326 14.20 26.27 32.15
N CYS A 327 13.61 25.84 33.27
CA CYS A 327 14.03 26.37 34.56
C CYS A 327 15.49 26.01 34.83
N LYS A 328 15.89 24.80 34.45
CA LYS A 328 17.29 24.43 34.56
C LYS A 328 18.14 25.19 33.56
N ALA A 329 17.56 25.58 32.42
CA ALA A 329 18.31 26.27 31.38
C ALA A 329 18.53 27.75 31.68
N VAL A 330 17.81 28.31 32.63
CA VAL A 330 17.97 29.73 32.96
C VAL A 330 19.27 29.97 33.70
N GLN B 1 -18.80 21.53 -19.16
CA GLN B 1 -18.33 22.85 -18.79
C GLN B 1 -19.43 23.67 -18.11
N LEU B 2 -20.64 23.10 -18.10
CA LEU B 2 -21.80 23.68 -17.43
C LEU B 2 -21.94 25.18 -17.71
N GLN B 3 -21.77 25.57 -18.97
CA GLN B 3 -21.80 26.98 -19.33
C GLN B 3 -23.13 27.62 -18.94
N PHE B 4 -23.06 28.64 -18.10
CA PHE B 4 -24.27 29.28 -17.58
C PHE B 4 -24.87 30.18 -18.66
N VAL B 5 -26.19 30.35 -18.62
CA VAL B 5 -26.86 31.37 -19.41
C VAL B 5 -27.70 32.25 -18.49
N GLU B 6 -27.26 33.49 -18.31
CA GLU B 6 -27.98 34.45 -17.48
C GLU B 6 -29.15 35.01 -18.27
N SER B 7 -30.35 35.01 -17.68
CA SER B 7 -31.49 35.62 -18.34
C SER B 7 -32.13 36.59 -17.35
N GLY B 8 -33.32 37.09 -17.65
CA GLY B 8 -34.04 37.89 -16.68
C GLY B 8 -33.74 39.37 -16.65
N GLY B 9 -33.09 39.93 -17.67
CA GLY B 9 -32.68 41.32 -17.64
C GLY B 9 -33.45 42.24 -18.57
N GLY B 10 -33.60 43.48 -18.11
CA GLY B 10 -34.21 44.56 -18.86
C GLY B 10 -33.90 45.86 -18.15
N LEU B 11 -34.64 46.91 -18.51
CA LEU B 11 -34.38 48.22 -17.93
C LEU B 11 -35.47 48.47 -16.91
N VAL B 12 -35.08 48.87 -15.70
CA VAL B 12 -36.02 49.13 -14.62
C VAL B 12 -35.91 50.57 -14.15
N GLN B 13 -37.02 51.12 -13.68
CA GLN B 13 -37.07 52.46 -13.15
C GLN B 13 -36.45 52.45 -11.75
N ALA B 14 -35.99 53.61 -11.31
CA ALA B 14 -35.27 53.68 -10.04
C ALA B 14 -36.18 53.20 -8.90
N GLY B 15 -35.55 52.95 -7.74
CA GLY B 15 -36.23 52.43 -6.58
C GLY B 15 -37.08 51.21 -6.88
N GLY B 16 -36.65 50.41 -7.86
CA GLY B 16 -37.40 49.26 -8.32
C GLY B 16 -37.03 47.96 -7.63
N SER B 17 -37.60 46.88 -8.14
CA SER B 17 -37.35 45.53 -7.66
C SER B 17 -37.30 44.62 -8.88
N LEU B 18 -36.17 43.96 -9.10
CA LEU B 18 -35.98 43.11 -10.27
C LEU B 18 -35.35 41.79 -9.89
N ARG B 19 -35.90 40.70 -10.43
CA ARG B 19 -35.37 39.37 -10.23
C ARG B 19 -34.60 38.91 -11.46
N LEU B 20 -33.47 38.23 -11.23
CA LEU B 20 -32.61 37.73 -12.29
C LEU B 20 -32.39 36.24 -12.09
N SER B 21 -32.23 35.52 -13.19
CA SER B 21 -32.09 34.07 -13.17
C SER B 21 -30.86 33.64 -13.94
N CYS B 22 -30.16 32.65 -13.41
CA CYS B 22 -28.98 32.07 -14.05
C CYS B 22 -29.26 30.58 -14.20
N ALA B 23 -29.19 30.06 -15.43
CA ALA B 23 -29.53 28.67 -15.70
C ALA B 23 -28.31 27.90 -16.19
N ALA B 24 -28.09 26.72 -15.62
CA ALA B 24 -26.92 25.90 -15.91
C ALA B 24 -27.36 24.64 -16.63
N SER B 25 -26.80 24.42 -17.82
CA SER B 25 -27.09 23.22 -18.62
C SER B 25 -26.18 22.05 -18.22
N GLY B 26 -26.34 21.59 -16.98
CA GLY B 26 -25.54 20.48 -16.52
C GLY B 26 -26.27 19.63 -15.50
N ARG B 27 -25.68 18.47 -15.20
CA ARG B 27 -26.21 17.55 -14.21
C ARG B 27 -25.54 17.65 -12.84
N THR B 28 -24.38 18.29 -12.77
CA THR B 28 -23.62 18.40 -11.52
C THR B 28 -23.58 19.82 -10.99
N PHE B 29 -24.55 20.66 -11.39
CA PHE B 29 -24.65 22.01 -10.86
C PHE B 29 -24.96 22.03 -9.37
N SER B 30 -25.46 20.93 -8.81
CA SER B 30 -25.89 20.92 -7.42
C SER B 30 -24.77 20.65 -6.44
N ARG B 31 -23.61 20.18 -6.89
CA ARG B 31 -22.46 20.02 -6.00
C ARG B 31 -21.65 21.30 -5.85
N TYR B 32 -21.73 22.21 -6.81
CA TYR B 32 -20.93 23.43 -6.82
C TYR B 32 -21.60 24.55 -6.04
N ALA B 33 -20.77 25.46 -5.52
CA ALA B 33 -21.22 26.78 -5.11
C ALA B 33 -21.13 27.73 -6.30
N VAL B 34 -22.10 28.64 -6.41
CA VAL B 34 -22.13 29.57 -7.53
C VAL B 34 -22.17 31.01 -7.01
N GLY B 35 -21.73 31.94 -7.85
CA GLY B 35 -21.78 33.34 -7.49
C GLY B 35 -22.23 34.23 -8.62
N TRP B 36 -22.74 35.40 -8.25
CA TRP B 36 -23.12 36.44 -9.19
C TRP B 36 -22.12 37.59 -9.06
N PHE B 37 -21.54 38.00 -10.20
CA PHE B 37 -20.55 39.05 -10.33
C PHE B 37 -21.05 40.13 -11.29
N ARG B 38 -20.64 41.37 -11.10
CA ARG B 38 -21.02 42.43 -12.02
C ARG B 38 -19.78 43.14 -12.54
N GLN B 39 -19.85 43.65 -13.77
CA GLN B 39 -18.75 44.39 -14.36
C GLN B 39 -19.20 45.81 -14.71
N ALA B 40 -18.92 46.76 -13.82
CA ALA B 40 -19.35 48.14 -14.03
C ALA B 40 -18.72 48.69 -15.31
N PRO B 41 -19.43 49.54 -16.04
CA PRO B 41 -18.85 50.16 -17.24
C PRO B 41 -17.52 50.85 -16.93
N GLY B 42 -16.54 50.62 -17.80
CA GLY B 42 -15.21 51.16 -17.59
C GLY B 42 -14.58 50.79 -16.27
N LYS B 43 -15.01 49.68 -15.66
CA LYS B 43 -14.46 49.18 -14.42
C LYS B 43 -14.28 47.67 -14.55
N GLU B 44 -13.76 47.07 -13.48
CA GLU B 44 -13.45 45.65 -13.48
C GLU B 44 -14.59 44.88 -12.80
N ARG B 45 -14.46 43.56 -12.78
CA ARG B 45 -15.51 42.73 -12.21
C ARG B 45 -15.50 42.80 -10.69
N GLU B 46 -16.68 42.88 -10.11
CA GLU B 46 -16.85 42.94 -8.66
C GLU B 46 -17.63 41.72 -8.20
N PHE B 47 -17.50 41.39 -6.92
CA PHE B 47 -18.23 40.28 -6.32
C PHE B 47 -19.55 40.76 -5.76
N VAL B 48 -20.65 40.29 -6.34
CA VAL B 48 -21.97 40.70 -5.87
C VAL B 48 -22.48 39.77 -4.77
N ALA B 49 -22.49 38.46 -5.02
CA ALA B 49 -22.98 37.53 -4.02
C ALA B 49 -22.60 36.10 -4.40
N SER B 50 -22.68 35.19 -3.42
CA SER B 50 -22.32 33.80 -3.64
C SER B 50 -23.14 32.93 -2.71
N ILE B 51 -23.36 31.68 -3.13
CA ILE B 51 -24.18 30.72 -2.40
C ILE B 51 -23.57 29.34 -2.55
N THR B 52 -23.65 28.55 -1.48
CA THR B 52 -23.06 27.22 -1.47
C THR B 52 -24.02 26.22 -2.10
N TRP B 53 -23.59 24.95 -2.16
CA TRP B 53 -24.37 23.94 -2.89
C TRP B 53 -25.77 23.79 -2.31
N ASN B 54 -25.91 23.84 -0.98
CA ASN B 54 -27.20 23.55 -0.34
C ASN B 54 -27.80 24.76 0.35
N GLY B 55 -27.40 25.97 -0.03
CA GLY B 55 -28.02 27.14 0.55
C GLY B 55 -27.63 27.42 1.98
N ALA B 56 -26.67 26.65 2.52
CA ALA B 56 -26.21 26.86 3.90
C ALA B 56 -25.68 28.27 4.09
N THR B 57 -24.71 28.68 3.28
CA THR B 57 -24.03 29.96 3.44
C THR B 57 -24.32 30.84 2.23
N THR B 58 -24.75 32.06 2.51
CA THR B 58 -24.99 33.08 1.49
C THR B 58 -24.11 34.28 1.84
N TYR B 59 -23.09 34.52 1.03
CA TYR B 59 -22.19 35.65 1.23
C TYR B 59 -22.56 36.78 0.28
N TYR B 60 -22.57 38.00 0.79
CA TYR B 60 -22.95 39.16 0.00
C TYR B 60 -21.84 40.21 0.04
N ALA B 61 -22.00 41.23 -0.79
CA ALA B 61 -21.07 42.35 -0.82
C ALA B 61 -21.52 43.39 0.21
N ASP B 62 -20.54 44.10 0.78
CA ASP B 62 -20.89 45.09 1.79
C ASP B 62 -21.77 46.21 1.26
N SER B 63 -21.95 46.29 -0.06
CA SER B 63 -22.76 47.35 -0.65
C SER B 63 -24.19 46.90 -0.98
N VAL B 64 -24.44 45.59 -1.03
CA VAL B 64 -25.72 45.06 -1.47
C VAL B 64 -26.51 44.39 -0.36
N LYS B 65 -26.00 44.38 0.87
CA LYS B 65 -26.65 43.65 1.94
C LYS B 65 -28.07 44.16 2.16
N GLY B 66 -28.98 43.25 2.49
CA GLY B 66 -30.38 43.63 2.64
C GLY B 66 -31.06 43.86 1.31
N ARG B 67 -30.51 44.80 0.53
CA ARG B 67 -31.11 45.16 -0.75
C ARG B 67 -31.12 43.97 -1.72
N PHE B 68 -30.10 43.12 -1.69
CA PHE B 68 -29.97 42.02 -2.62
C PHE B 68 -30.07 40.69 -1.87
N THR B 69 -30.74 39.72 -2.50
CA THR B 69 -30.90 38.39 -1.94
C THR B 69 -30.56 37.37 -3.02
N ILE B 70 -29.93 36.27 -2.62
CA ILE B 70 -29.57 35.19 -3.53
C ILE B 70 -30.24 33.90 -3.05
N SER B 71 -30.77 33.13 -4.00
CA SER B 71 -31.31 31.82 -3.68
C SER B 71 -31.07 30.90 -4.86
N ARG B 72 -31.22 29.59 -4.64
CA ARG B 72 -31.01 28.63 -5.71
C ARG B 72 -31.99 27.47 -5.55
N ASP B 73 -32.41 26.92 -6.70
CA ASP B 73 -33.29 25.77 -6.74
C ASP B 73 -32.56 24.65 -7.45
N ASN B 74 -32.39 23.53 -6.74
CA ASN B 74 -31.54 22.44 -7.23
C ASN B 74 -32.22 21.66 -8.34
N ALA B 75 -33.54 21.44 -8.21
CA ALA B 75 -34.25 20.64 -9.20
C ALA B 75 -34.25 21.32 -10.56
N LYS B 76 -34.54 22.62 -10.57
CA LYS B 76 -34.54 23.38 -11.81
C LYS B 76 -33.13 23.70 -12.27
N ASN B 77 -32.14 23.64 -11.37
CA ASN B 77 -30.75 23.98 -11.68
C ASN B 77 -30.62 25.48 -11.92
N THR B 78 -31.36 26.29 -11.17
CA THR B 78 -31.39 27.73 -11.43
C THR B 78 -31.08 28.54 -10.18
N VAL B 79 -30.41 29.67 -10.39
CA VAL B 79 -30.11 30.61 -9.30
C VAL B 79 -30.85 31.92 -9.53
N TYR B 80 -31.50 32.42 -8.48
CA TYR B 80 -32.33 33.62 -8.56
C TYR B 80 -31.75 34.69 -7.66
N LEU B 81 -31.32 35.80 -8.26
CA LEU B 81 -30.85 36.97 -7.54
C LEU B 81 -31.98 38.01 -7.56
N GLN B 82 -32.59 38.25 -6.41
CA GLN B 82 -33.62 39.30 -6.30
C GLN B 82 -32.97 40.58 -5.80
N MET B 83 -32.99 41.62 -6.63
CA MET B 83 -32.49 42.94 -6.26
C MET B 83 -33.65 43.84 -5.88
N ASN B 84 -33.45 44.64 -4.85
CA ASN B 84 -34.50 45.51 -4.32
C ASN B 84 -33.89 46.87 -3.98
N SER B 85 -34.72 47.90 -4.04
CA SER B 85 -34.29 49.29 -3.88
C SER B 85 -33.03 49.57 -4.69
N LEU B 86 -33.20 49.52 -6.00
CA LEU B 86 -32.07 49.64 -6.93
C LEU B 86 -31.63 51.09 -7.01
N LYS B 87 -30.37 51.34 -6.66
CA LYS B 87 -29.77 52.66 -6.83
C LYS B 87 -29.04 52.69 -8.16
N PRO B 88 -28.49 53.83 -8.59
CA PRO B 88 -27.81 53.87 -9.89
C PRO B 88 -26.52 53.07 -9.93
N GLU B 89 -25.99 52.65 -8.78
CA GLU B 89 -24.74 51.89 -8.76
C GLU B 89 -24.88 50.55 -9.47
N ASP B 90 -26.07 49.96 -9.44
CA ASP B 90 -26.28 48.61 -9.94
C ASP B 90 -26.06 48.48 -11.44
N THR B 91 -25.96 49.59 -12.16
CA THR B 91 -25.87 49.56 -13.62
C THR B 91 -24.55 48.91 -14.03
N ALA B 92 -24.62 47.70 -14.56
CA ALA B 92 -23.46 46.98 -15.09
C ALA B 92 -23.97 45.77 -15.87
N VAL B 93 -23.05 44.88 -16.25
CA VAL B 93 -23.40 43.63 -16.89
C VAL B 93 -23.10 42.50 -15.91
N TYR B 94 -24.12 41.73 -15.57
CA TYR B 94 -24.01 40.68 -14.56
C TYR B 94 -23.65 39.34 -15.19
N TYR B 95 -22.68 38.65 -14.59
CA TYR B 95 -22.22 37.34 -15.04
C TYR B 95 -22.37 36.33 -13.92
N CYS B 96 -22.88 35.15 -14.25
CA CYS B 96 -23.07 34.09 -13.27
C CYS B 96 -21.89 33.14 -13.37
N ALA B 97 -21.25 32.86 -12.24
CA ALA B 97 -20.02 32.08 -12.27
C ALA B 97 -20.16 30.86 -11.36
N LEU B 98 -19.15 30.00 -11.44
CA LEU B 98 -19.06 28.79 -10.63
C LEU B 98 -17.72 28.71 -9.90
N ASP B 99 -17.78 28.25 -8.65
CA ASP B 99 -16.59 28.16 -7.81
C ASP B 99 -15.94 26.81 -8.05
N LEU B 100 -14.62 26.80 -8.20
CA LEU B 100 -13.95 25.58 -8.67
C LEU B 100 -13.37 24.73 -7.55
N TYR B 101 -12.86 25.33 -6.47
CA TYR B 101 -12.27 24.54 -5.40
C TYR B 101 -12.95 24.79 -4.06
N SER B 102 -14.19 25.29 -4.07
CA SER B 102 -14.97 25.54 -2.86
C SER B 102 -14.17 26.36 -1.86
N TYR B 103 -13.57 27.44 -2.33
CA TYR B 103 -12.66 28.21 -1.49
C TYR B 103 -13.33 29.34 -0.72
N GLY B 104 -14.49 29.82 -1.18
CA GLY B 104 -15.26 30.75 -0.39
C GLY B 104 -14.75 32.16 -0.42
N THR B 105 -13.87 32.49 -1.37
CA THR B 105 -13.21 33.79 -1.44
C THR B 105 -14.06 34.79 -2.19
N ARG B 106 -13.54 36.01 -2.33
CA ARG B 106 -14.17 37.07 -3.09
C ARG B 106 -13.11 37.50 -4.10
N ASP B 107 -13.18 36.89 -5.28
CA ASP B 107 -12.11 37.02 -6.27
C ASP B 107 -12.68 36.69 -7.63
N VAL B 108 -12.05 37.22 -8.68
CA VAL B 108 -12.46 36.89 -10.03
C VAL B 108 -11.68 35.71 -10.60
N ALA B 109 -10.48 35.42 -10.07
CA ALA B 109 -9.65 34.38 -10.65
C ALA B 109 -9.97 32.98 -10.13
N ASP B 110 -10.79 32.85 -9.09
CA ASP B 110 -11.19 31.53 -8.62
C ASP B 110 -12.46 31.01 -9.27
N PHE B 111 -13.18 31.84 -10.01
CA PHE B 111 -14.45 31.47 -10.61
C PHE B 111 -14.28 31.21 -12.10
N GLY B 112 -14.50 29.96 -12.51
CA GLY B 112 -14.42 29.55 -13.90
C GLY B 112 -15.80 29.15 -14.42
N SER B 113 -15.83 28.76 -15.69
CA SER B 113 -17.09 28.43 -16.36
C SER B 113 -18.03 29.64 -16.35
N TRP B 114 -17.48 30.82 -16.63
CA TRP B 114 -18.25 32.05 -16.69
C TRP B 114 -19.31 31.97 -17.79
N GLY B 115 -20.19 32.97 -17.81
CA GLY B 115 -21.22 33.08 -18.81
C GLY B 115 -21.09 34.33 -19.67
N LYS B 116 -21.80 34.34 -20.80
CA LYS B 116 -21.82 35.52 -21.65
C LYS B 116 -22.28 36.76 -20.90
N GLY B 117 -23.28 36.62 -20.03
CA GLY B 117 -23.66 37.71 -19.15
C GLY B 117 -24.93 38.44 -19.55
N THR B 118 -25.76 38.78 -18.56
CA THR B 118 -26.96 39.56 -18.78
C THR B 118 -26.70 41.01 -18.40
N ARG B 119 -27.50 41.91 -18.99
CA ARG B 119 -27.34 43.35 -18.78
C ARG B 119 -28.54 43.92 -18.04
N VAL B 120 -28.26 44.86 -17.14
CA VAL B 120 -29.28 45.59 -16.41
C VAL B 120 -29.09 47.08 -16.69
N THR B 121 -30.20 47.82 -16.77
CA THR B 121 -30.16 49.27 -16.92
C THR B 121 -31.00 49.92 -15.84
N VAL B 122 -30.40 50.82 -15.08
CA VAL B 122 -31.04 51.48 -13.95
C VAL B 122 -31.08 52.98 -14.21
N SER B 123 -32.27 53.56 -14.14
CA SER B 123 -32.44 54.98 -14.42
C SER B 123 -32.20 55.82 -13.17
N GLN C 1 -26.40 -8.93 -20.41
CA GLN C 1 -26.41 -10.39 -20.35
C GLN C 1 -26.10 -10.99 -21.71
N LEU C 2 -26.02 -10.12 -22.73
CA LEU C 2 -25.65 -10.49 -24.09
C LEU C 2 -26.38 -11.74 -24.57
N GLN C 3 -27.68 -11.82 -24.32
CA GLN C 3 -28.45 -13.02 -24.63
C GLN C 3 -28.39 -13.32 -26.12
N PHE C 4 -27.89 -14.51 -26.46
CA PHE C 4 -27.68 -14.88 -27.85
C PHE C 4 -29.03 -15.24 -28.48
N VAL C 5 -29.15 -15.01 -29.79
CA VAL C 5 -30.26 -15.55 -30.56
C VAL C 5 -29.73 -16.35 -31.74
N GLU C 6 -29.89 -17.68 -31.66
CA GLU C 6 -29.45 -18.57 -32.72
C GLU C 6 -30.47 -18.54 -33.86
N SER C 7 -30.00 -18.34 -35.09
CA SER C 7 -30.90 -18.39 -36.23
C SER C 7 -30.31 -19.36 -37.25
N GLY C 8 -30.84 -19.39 -38.47
CA GLY C 8 -30.22 -20.17 -39.52
C GLY C 8 -30.61 -21.62 -39.61
N GLY C 9 -31.70 -22.05 -38.97
CA GLY C 9 -32.05 -23.46 -38.94
C GLY C 9 -33.27 -23.85 -39.76
N GLY C 10 -33.22 -25.06 -40.28
CA GLY C 10 -34.31 -25.67 -41.03
C GLY C 10 -34.00 -27.14 -41.18
N LEU C 11 -34.72 -27.80 -42.09
CA LEU C 11 -34.54 -29.23 -42.28
C LEU C 11 -33.74 -29.43 -43.55
N VAL C 12 -32.67 -30.22 -43.47
CA VAL C 12 -31.80 -30.47 -44.61
C VAL C 12 -31.78 -31.95 -44.95
N GLN C 13 -31.59 -32.23 -46.23
CA GLN C 13 -31.49 -33.60 -46.72
C GLN C 13 -30.10 -34.15 -46.35
N ALA C 14 -29.99 -35.48 -46.27
CA ALA C 14 -28.75 -36.07 -45.82
C ALA C 14 -27.60 -35.68 -46.75
N GLY C 15 -26.38 -35.94 -46.27
CA GLY C 15 -25.16 -35.56 -46.98
C GLY C 15 -25.15 -34.11 -47.42
N GLY C 16 -25.82 -33.25 -46.65
CA GLY C 16 -25.97 -31.85 -47.00
C GLY C 16 -24.89 -30.95 -46.42
N SER C 17 -25.11 -29.65 -46.61
CA SER C 17 -24.22 -28.61 -46.10
C SER C 17 -25.09 -27.47 -45.62
N LEU C 18 -25.01 -27.13 -44.34
CA LEU C 18 -25.86 -26.11 -43.75
C LEU C 18 -25.06 -25.16 -42.87
N ARG C 19 -25.28 -23.87 -43.03
CA ARG C 19 -24.64 -22.84 -42.21
C ARG C 19 -25.62 -22.33 -41.17
N LEU C 20 -25.10 -22.08 -39.96
CA LEU C 20 -25.88 -21.60 -38.83
C LEU C 20 -25.23 -20.36 -38.27
N SER C 21 -26.05 -19.44 -37.76
CA SER C 21 -25.58 -18.16 -37.27
C SER C 21 -26.08 -17.92 -35.84
N CYS C 22 -25.23 -17.36 -35.01
CA CYS C 22 -25.56 -16.99 -33.64
C CYS C 22 -25.28 -15.50 -33.50
N ALA C 23 -26.28 -14.73 -33.10
CA ALA C 23 -26.15 -13.27 -33.02
C ALA C 23 -26.28 -12.80 -31.58
N ALA C 24 -25.35 -11.92 -31.16
CA ALA C 24 -25.29 -11.44 -29.79
C ALA C 24 -25.64 -9.95 -29.77
N SER C 25 -26.65 -9.60 -28.99
CA SER C 25 -27.08 -8.21 -28.82
C SER C 25 -26.29 -7.50 -27.73
N GLY C 26 -24.97 -7.36 -27.96
CA GLY C 26 -24.13 -6.69 -26.99
C GLY C 26 -22.97 -5.97 -27.64
N ARG C 27 -22.29 -5.16 -26.83
CA ARG C 27 -21.12 -4.41 -27.26
C ARG C 27 -19.80 -5.07 -26.87
N THR C 28 -19.82 -6.02 -25.94
CA THR C 28 -18.60 -6.66 -25.45
C THR C 28 -18.52 -8.13 -25.87
N PHE C 29 -19.23 -8.51 -26.93
CA PHE C 29 -19.15 -9.86 -27.47
C PHE C 29 -17.76 -10.18 -28.01
N SER C 30 -16.94 -9.17 -28.29
CA SER C 30 -15.65 -9.40 -28.93
C SER C 30 -14.54 -9.74 -27.96
N ARG C 31 -14.74 -9.53 -26.65
CA ARG C 31 -13.75 -9.96 -25.66
C ARG C 31 -13.92 -11.41 -25.25
N TYR C 32 -15.12 -11.97 -25.40
CA TYR C 32 -15.42 -13.32 -24.95
C TYR C 32 -15.07 -14.37 -26.00
N ALA C 33 -14.78 -15.58 -25.53
CA ALA C 33 -14.83 -16.77 -26.36
C ALA C 33 -16.24 -17.35 -26.31
N VAL C 34 -16.70 -17.87 -27.46
CA VAL C 34 -18.04 -18.43 -27.54
C VAL C 34 -17.97 -19.87 -28.03
N GLY C 35 -19.02 -20.63 -27.72
CA GLY C 35 -19.10 -22.00 -28.19
C GLY C 35 -20.49 -22.39 -28.65
N TRP C 36 -20.52 -23.41 -29.50
CA TRP C 36 -21.76 -24.01 -29.97
C TRP C 36 -21.90 -25.40 -29.33
N PHE C 37 -23.06 -25.63 -28.70
CA PHE C 37 -23.41 -26.86 -28.00
C PHE C 37 -24.69 -27.44 -28.60
N ARG C 38 -24.85 -28.76 -28.56
CA ARG C 38 -26.07 -29.37 -29.04
C ARG C 38 -26.68 -30.25 -27.95
N GLN C 39 -28.01 -30.39 -27.96
CA GLN C 39 -28.70 -31.23 -26.99
C GLN C 39 -29.50 -32.31 -27.73
N ALA C 40 -28.91 -33.50 -27.84
CA ALA C 40 -29.55 -34.58 -28.57
C ALA C 40 -30.89 -34.94 -27.90
N PRO C 41 -31.90 -35.32 -28.68
CA PRO C 41 -33.18 -35.74 -28.09
C PRO C 41 -32.97 -36.84 -27.06
N GLY C 42 -33.65 -36.69 -25.91
CA GLY C 42 -33.51 -37.62 -24.82
C GLY C 42 -32.09 -37.82 -24.34
N LYS C 43 -31.22 -36.84 -24.57
CA LYS C 43 -29.84 -36.86 -24.11
C LYS C 43 -29.48 -35.50 -23.54
N GLU C 44 -28.25 -35.37 -23.07
CA GLU C 44 -27.80 -34.17 -22.41
C GLU C 44 -27.01 -33.30 -23.40
N ARG C 45 -26.60 -32.13 -22.95
CA ARG C 45 -25.89 -31.21 -23.83
C ARG C 45 -24.46 -31.69 -24.09
N GLU C 46 -24.03 -31.57 -25.34
CA GLU C 46 -22.70 -31.96 -25.75
C GLU C 46 -21.95 -30.73 -26.24
N PHE C 47 -20.62 -30.81 -26.25
CA PHE C 47 -19.78 -29.73 -26.76
C PHE C 47 -19.50 -29.93 -28.24
N VAL C 48 -20.00 -29.02 -29.07
CA VAL C 48 -19.78 -29.13 -30.51
C VAL C 48 -18.50 -28.43 -30.94
N ALA C 49 -18.35 -27.16 -30.57
CA ALA C 49 -17.16 -26.42 -30.97
C ALA C 49 -17.06 -25.12 -30.17
N SER C 50 -15.87 -24.52 -30.19
CA SER C 50 -15.63 -23.30 -29.45
C SER C 50 -14.55 -22.49 -30.16
N ILE C 51 -14.60 -21.17 -29.97
CA ILE C 51 -13.69 -20.24 -30.63
C ILE C 51 -13.35 -19.11 -29.67
N THR C 52 -12.11 -18.64 -29.72
CA THR C 52 -11.65 -17.59 -28.82
C THR C 52 -12.03 -16.23 -29.38
N TRP C 53 -11.67 -15.17 -28.63
CA TRP C 53 -12.12 -13.83 -29.00
C TRP C 53 -11.64 -13.43 -30.39
N ASN C 54 -10.41 -13.78 -30.76
CA ASN C 54 -9.82 -13.31 -32.00
C ASN C 54 -9.58 -14.44 -33.02
N GLY C 55 -10.28 -15.57 -32.87
CA GLY C 55 -10.12 -16.61 -33.86
C GLY C 55 -8.81 -17.36 -33.79
N ALA C 56 -7.99 -17.07 -32.78
CA ALA C 56 -6.71 -17.77 -32.62
C ALA C 56 -6.90 -19.27 -32.50
N THR C 57 -7.71 -19.72 -31.54
CA THR C 57 -7.89 -21.13 -31.25
C THR C 57 -9.32 -21.53 -31.56
N THR C 58 -9.47 -22.60 -32.32
CA THR C 58 -10.76 -23.21 -32.65
C THR C 58 -10.72 -24.65 -32.17
N TYR C 59 -11.47 -24.96 -31.13
CA TYR C 59 -11.54 -26.31 -30.59
C TYR C 59 -12.82 -26.99 -31.08
N TYR C 60 -12.70 -28.25 -31.48
CA TYR C 60 -13.83 -28.99 -32.02
C TYR C 60 -14.01 -30.29 -31.23
N ALA C 61 -15.12 -30.97 -31.50
CA ALA C 61 -15.41 -32.25 -30.90
C ALA C 61 -14.79 -33.35 -31.75
N ASP C 62 -14.38 -34.44 -31.11
CA ASP C 62 -13.73 -35.52 -31.85
C ASP C 62 -14.64 -36.14 -32.90
N SER C 63 -15.94 -35.83 -32.88
CA SER C 63 -16.90 -36.39 -33.82
C SER C 63 -17.19 -35.48 -35.00
N VAL C 64 -16.86 -34.19 -34.90
CA VAL C 64 -17.23 -33.21 -35.92
C VAL C 64 -16.04 -32.67 -36.68
N LYS C 65 -14.82 -33.13 -36.39
CA LYS C 65 -13.64 -32.54 -37.00
C LYS C 65 -13.70 -32.67 -38.52
N GLY C 66 -13.19 -31.65 -39.21
CA GLY C 66 -13.27 -31.62 -40.66
C GLY C 66 -14.67 -31.29 -41.16
N ARG C 67 -15.65 -32.10 -40.74
CA ARG C 67 -17.02 -31.92 -41.19
C ARG C 67 -17.58 -30.57 -40.75
N PHE C 68 -17.21 -30.10 -39.56
CA PHE C 68 -17.76 -28.88 -38.99
C PHE C 68 -16.66 -27.82 -38.88
N THR C 69 -17.02 -26.58 -39.16
CA THR C 69 -16.10 -25.45 -39.07
C THR C 69 -16.79 -24.32 -38.31
N ILE C 70 -16.04 -23.61 -37.49
CA ILE C 70 -16.55 -22.47 -36.73
C ILE C 70 -15.76 -21.23 -37.10
N SER C 71 -16.47 -20.11 -37.26
CA SER C 71 -15.82 -18.83 -37.50
C SER C 71 -16.65 -17.74 -36.85
N ARG C 72 -16.06 -16.55 -36.68
CA ARG C 72 -16.76 -15.44 -36.07
C ARG C 72 -16.35 -14.14 -36.72
N ASP C 73 -17.31 -13.21 -36.81
CA ASP C 73 -17.07 -11.88 -37.34
C ASP C 73 -17.36 -10.88 -36.23
N ASN C 74 -16.33 -10.08 -35.90
CA ASN C 74 -16.40 -9.20 -34.73
C ASN C 74 -17.28 -7.99 -35.00
N ALA C 75 -17.19 -7.43 -36.22
CA ALA C 75 -17.95 -6.23 -36.53
C ALA C 75 -19.44 -6.50 -36.48
N LYS C 76 -19.86 -7.61 -37.10
CA LYS C 76 -21.27 -7.99 -37.08
C LYS C 76 -21.70 -8.57 -35.74
N ASN C 77 -20.74 -9.03 -34.93
CA ASN C 77 -21.02 -9.68 -33.64
C ASN C 77 -21.69 -11.03 -33.87
N THR C 78 -21.28 -11.76 -34.91
CA THR C 78 -21.96 -12.99 -35.24
C THR C 78 -20.99 -14.16 -35.37
N VAL C 79 -21.47 -15.35 -34.99
CA VAL C 79 -20.69 -16.58 -35.11
C VAL C 79 -21.37 -17.50 -36.12
N TYR C 80 -20.58 -18.05 -37.05
CA TYR C 80 -21.08 -18.89 -38.13
C TYR C 80 -20.49 -20.29 -37.99
N LEU C 81 -21.37 -21.26 -37.78
CA LEU C 81 -21.00 -22.68 -37.75
C LEU C 81 -21.42 -23.31 -39.07
N GLN C 82 -20.45 -23.64 -39.92
CA GLN C 82 -20.75 -24.33 -41.16
C GLN C 82 -20.60 -25.84 -40.97
N MET C 83 -21.71 -26.56 -41.11
CA MET C 83 -21.70 -28.02 -41.04
C MET C 83 -21.72 -28.61 -42.44
N ASN C 84 -20.94 -29.68 -42.63
CA ASN C 84 -20.79 -30.32 -43.93
C ASN C 84 -20.84 -31.82 -43.75
N SER C 85 -21.27 -32.52 -44.79
CA SER C 85 -21.49 -33.97 -44.78
C SER C 85 -22.25 -34.38 -43.52
N LEU C 86 -23.50 -33.92 -43.44
CA LEU C 86 -24.32 -34.12 -42.25
C LEU C 86 -24.80 -35.56 -42.18
N LYS C 87 -24.44 -36.26 -41.10
CA LYS C 87 -24.95 -37.60 -40.84
C LYS C 87 -26.16 -37.48 -39.93
N PRO C 88 -26.86 -38.59 -39.63
CA PRO C 88 -28.05 -38.47 -38.78
C PRO C 88 -27.74 -38.10 -37.34
N GLU C 89 -26.47 -38.17 -36.92
CA GLU C 89 -26.13 -37.86 -35.54
C GLU C 89 -26.40 -36.40 -35.21
N ASP C 90 -26.30 -35.51 -36.20
CA ASP C 90 -26.39 -34.07 -35.97
C ASP C 90 -27.76 -33.62 -35.48
N THR C 91 -28.77 -34.48 -35.56
CA THR C 91 -30.13 -34.09 -35.21
C THR C 91 -30.22 -33.77 -33.73
N ALA C 92 -30.37 -32.49 -33.40
CA ALA C 92 -30.55 -32.04 -32.02
C ALA C 92 -30.97 -30.57 -32.07
N VAL C 93 -31.00 -29.92 -30.91
CA VAL C 93 -31.26 -28.50 -30.81
C VAL C 93 -29.96 -27.81 -30.40
N TYR C 94 -29.50 -26.89 -31.23
CA TYR C 94 -28.21 -26.23 -31.02
C TYR C 94 -28.37 -24.93 -30.24
N TYR C 95 -27.51 -24.74 -29.24
CA TYR C 95 -27.52 -23.56 -28.39
C TYR C 95 -26.16 -22.88 -28.45
N CYS C 96 -26.17 -21.56 -28.57
CA CYS C 96 -24.94 -20.79 -28.66
C CYS C 96 -24.64 -20.23 -27.27
N ALA C 97 -23.44 -20.46 -26.76
CA ALA C 97 -23.12 -20.10 -25.39
C ALA C 97 -21.90 -19.17 -25.36
N LEU C 98 -21.63 -18.66 -24.17
CA LEU C 98 -20.49 -17.78 -23.91
C LEU C 98 -19.67 -18.29 -22.73
N ASP C 99 -18.35 -18.19 -22.87
CA ASP C 99 -17.43 -18.67 -21.86
C ASP C 99 -17.19 -17.55 -20.85
N LEU C 100 -17.22 -17.89 -19.57
CA LEU C 100 -17.25 -16.85 -18.55
C LEU C 100 -15.89 -16.54 -17.96
N TYR C 101 -14.99 -17.52 -17.80
CA TYR C 101 -13.68 -17.25 -17.21
C TYR C 101 -12.55 -17.63 -18.15
N SER C 102 -12.81 -17.73 -19.44
CA SER C 102 -11.80 -18.04 -20.45
C SER C 102 -11.02 -19.30 -20.07
N TYR C 103 -11.75 -20.35 -19.70
CA TYR C 103 -11.10 -21.54 -19.16
C TYR C 103 -10.77 -22.58 -20.22
N GLY C 104 -11.44 -22.57 -21.36
CA GLY C 104 -11.04 -23.41 -22.48
C GLY C 104 -11.46 -24.85 -22.33
N THR C 105 -12.37 -25.15 -21.42
CA THR C 105 -12.77 -26.52 -21.12
C THR C 105 -13.87 -26.99 -22.06
N ARG C 106 -14.31 -28.22 -21.85
CA ARG C 106 -15.41 -28.82 -22.61
C ARG C 106 -16.41 -29.25 -21.54
N ASP C 107 -17.35 -28.37 -21.25
CA ASP C 107 -18.24 -28.53 -20.10
C ASP C 107 -19.49 -27.70 -20.34
N VAL C 108 -20.59 -28.11 -19.71
CA VAL C 108 -21.81 -27.32 -19.79
C VAL C 108 -21.93 -26.31 -18.65
N ALA C 109 -21.25 -26.53 -17.52
CA ALA C 109 -21.42 -25.66 -16.37
C ALA C 109 -20.52 -24.42 -16.40
N ASP C 110 -19.57 -24.34 -17.32
CA ASP C 110 -18.75 -23.14 -17.45
C ASP C 110 -19.33 -22.10 -18.40
N PHE C 111 -20.33 -22.47 -19.19
CA PHE C 111 -20.91 -21.60 -20.21
C PHE C 111 -22.23 -21.01 -19.73
N GLY C 112 -22.26 -19.70 -19.56
CA GLY C 112 -23.45 -18.98 -19.15
C GLY C 112 -23.93 -18.08 -20.27
N SER C 113 -25.02 -17.36 -19.99
CA SER C 113 -25.67 -16.52 -21.00
C SER C 113 -26.09 -17.36 -22.21
N TRP C 114 -26.67 -18.52 -21.94
CA TRP C 114 -27.16 -19.41 -22.97
C TRP C 114 -28.27 -18.74 -23.79
N GLY C 115 -28.67 -19.40 -24.88
CA GLY C 115 -29.74 -18.92 -25.72
C GLY C 115 -30.91 -19.89 -25.77
N LYS C 116 -32.05 -19.39 -26.27
CA LYS C 116 -33.23 -20.24 -26.45
C LYS C 116 -32.91 -21.45 -27.33
N GLY C 117 -32.13 -21.26 -28.39
CA GLY C 117 -31.66 -22.38 -29.18
C GLY C 117 -32.35 -22.58 -30.51
N THR C 118 -31.58 -22.91 -31.55
CA THR C 118 -32.13 -23.22 -32.86
C THR C 118 -32.18 -24.73 -33.04
N ARG C 119 -33.07 -25.17 -33.93
CA ARG C 119 -33.30 -26.59 -34.19
C ARG C 119 -32.87 -26.96 -35.59
N VAL C 120 -32.28 -28.15 -35.72
CA VAL C 120 -31.88 -28.71 -37.01
C VAL C 120 -32.58 -30.06 -37.15
N THR C 121 -32.96 -30.39 -38.38
CA THR C 121 -33.54 -31.69 -38.69
C THR C 121 -32.77 -32.33 -39.84
N VAL C 122 -32.27 -33.55 -39.62
CA VAL C 122 -31.45 -34.26 -40.59
C VAL C 122 -32.15 -35.55 -40.95
N SER C 123 -32.37 -35.76 -42.25
CA SER C 123 -33.07 -36.95 -42.73
C SER C 123 -32.10 -38.11 -42.92
N ALA D 2 5.70 11.65 -13.65
CA ALA D 2 4.51 11.28 -14.41
C ALA D 2 4.89 10.84 -15.83
N GLY D 3 5.68 11.67 -16.51
CA GLY D 3 6.12 11.31 -17.86
C GLY D 3 7.06 10.13 -17.88
N ILE D 4 7.93 10.03 -16.87
CA ILE D 4 8.86 8.91 -16.81
C ILE D 4 8.13 7.61 -16.56
N LEU D 5 7.04 7.65 -15.78
CA LEU D 5 6.22 6.45 -15.60
C LEU D 5 5.55 6.03 -16.90
N ALA D 6 5.08 7.00 -17.68
CA ALA D 6 4.50 6.68 -18.99
C ALA D 6 5.55 6.09 -19.93
N TRP D 7 6.80 6.60 -19.84
CA TRP D 7 7.87 6.02 -20.63
C TRP D 7 8.17 4.58 -20.21
N PHE D 8 8.19 4.32 -18.90
CA PHE D 8 8.50 2.98 -18.41
C PHE D 8 7.42 1.98 -18.82
N TRP D 9 6.15 2.35 -18.69
CA TRP D 9 5.04 1.47 -19.07
C TRP D 9 4.71 1.65 -20.55
N ASN D 10 5.67 1.30 -21.39
CA ASN D 10 5.49 1.37 -22.84
C ASN D 10 4.64 0.20 -23.30
N GLU D 11 3.48 0.49 -23.91
CA GLU D 11 2.57 -0.57 -24.30
C GLU D 11 3.12 -1.41 -25.44
N ARG D 12 4.11 -0.91 -26.17
CA ARG D 12 4.74 -1.69 -27.24
C ARG D 12 5.83 -2.61 -26.73
N PHE D 13 6.13 -2.58 -25.44
CA PHE D 13 7.17 -3.42 -24.84
C PHE D 13 6.58 -4.55 -24.01
N TRP D 14 5.63 -4.25 -23.13
CA TRP D 14 5.06 -5.28 -22.27
C TRP D 14 3.97 -6.05 -22.99
N LEU D 15 2.90 -5.36 -23.39
CA LEU D 15 1.79 -6.02 -24.05
C LEU D 15 2.22 -6.55 -25.43
N PRO D 16 1.60 -7.65 -25.87
CA PRO D 16 1.90 -8.16 -27.21
C PRO D 16 1.26 -7.32 -28.31
N HIS D 17 1.61 -7.68 -29.54
CA HIS D 17 1.18 -6.97 -30.75
C HIS D 17 -0.32 -6.67 -30.73
N ASN D 18 -0.66 -5.45 -31.13
CA ASN D 18 -2.05 -5.00 -31.28
C ASN D 18 -2.84 -5.08 -29.97
N VAL D 19 -2.20 -4.74 -28.86
CA VAL D 19 -2.84 -4.78 -27.55
C VAL D 19 -2.44 -3.52 -26.79
N THR D 20 -3.42 -2.82 -26.24
CA THR D 20 -3.19 -1.59 -25.50
C THR D 20 -3.73 -1.73 -24.08
N TRP D 21 -3.22 -0.87 -23.19
CA TRP D 21 -3.66 -0.90 -21.79
C TRP D 21 -5.14 -0.56 -21.67
N ALA D 22 -5.68 0.23 -22.62
CA ALA D 22 -7.09 0.57 -22.58
C ALA D 22 -7.98 -0.66 -22.75
N ASP D 23 -7.46 -1.75 -23.30
CA ASP D 23 -8.25 -2.98 -23.45
C ASP D 23 -8.40 -3.73 -22.14
N LEU D 24 -7.48 -3.54 -21.20
CA LEU D 24 -7.47 -4.28 -19.94
C LEU D 24 -8.07 -3.51 -18.78
N LYS D 25 -8.58 -2.30 -19.01
CA LYS D 25 -9.25 -1.55 -17.96
C LYS D 25 -10.48 -2.31 -17.45
N ASN D 26 -10.82 -2.06 -16.19
CA ASN D 26 -11.90 -2.76 -15.53
C ASN D 26 -13.24 -2.23 -16.02
N THR D 27 -14.01 -3.08 -16.69
CA THR D 27 -15.30 -2.70 -17.22
C THR D 27 -16.43 -3.23 -16.32
N GLU D 28 -17.67 -2.96 -16.74
CA GLU D 28 -18.83 -3.32 -15.93
C GLU D 28 -18.90 -4.83 -15.67
N GLU D 29 -18.91 -5.62 -16.75
CA GLU D 29 -19.08 -7.06 -16.61
C GLU D 29 -17.79 -7.81 -16.28
N ALA D 30 -16.63 -7.26 -16.60
CA ALA D 30 -15.37 -7.98 -16.46
C ALA D 30 -14.38 -7.19 -15.62
N THR D 31 -13.66 -7.90 -14.75
CA THR D 31 -12.62 -7.33 -13.92
C THR D 31 -11.27 -7.91 -14.32
N PHE D 32 -10.31 -7.03 -14.62
CA PHE D 32 -8.96 -7.45 -14.95
C PHE D 32 -7.97 -6.95 -13.91
N PRO D 33 -6.86 -7.65 -13.71
CA PRO D 33 -5.88 -7.20 -12.71
C PRO D 33 -5.25 -5.87 -13.10
N GLN D 34 -4.99 -5.05 -12.07
CA GLN D 34 -4.37 -3.74 -12.25
C GLN D 34 -3.23 -3.57 -11.25
N ALA D 35 -2.31 -2.67 -11.60
CA ALA D 35 -1.17 -2.41 -10.73
C ALA D 35 -1.61 -1.84 -9.39
N GLU D 36 -2.68 -1.03 -9.40
CA GLU D 36 -3.17 -0.40 -8.18
C GLU D 36 -3.65 -1.43 -7.15
N ASP D 37 -3.97 -2.64 -7.58
CA ASP D 37 -4.38 -3.69 -6.64
C ASP D 37 -3.20 -4.28 -5.87
N LEU D 38 -1.97 -3.96 -6.26
CA LEU D 38 -0.79 -4.49 -5.60
C LEU D 38 -0.29 -3.61 -4.47
N TYR D 39 -0.99 -2.54 -4.13
CA TYR D 39 -0.59 -1.70 -3.01
C TYR D 39 -1.02 -2.27 -1.67
N LEU D 40 -2.02 -3.16 -1.66
CA LEU D 40 -2.47 -3.82 -0.44
C LEU D 40 -1.41 -4.78 0.09
N ALA D 41 -0.47 -5.18 -0.76
CA ALA D 41 0.58 -6.12 -0.36
C ALA D 41 1.39 -5.62 0.81
N PHE D 42 1.80 -4.34 0.79
CA PHE D 42 2.52 -3.78 1.94
C PHE D 42 1.74 -3.79 3.25
N PRO D 43 0.48 -3.33 3.32
CA PRO D 43 -0.27 -3.50 4.57
C PRO D 43 -0.44 -4.94 5.00
N LEU D 44 -0.69 -5.85 4.05
CA LEU D 44 -0.81 -7.26 4.44
C LEU D 44 0.52 -7.81 4.92
N ALA D 45 1.64 -7.34 4.37
CA ALA D 45 2.95 -7.75 4.83
C ALA D 45 3.21 -7.26 6.24
N PHE D 46 2.79 -6.03 6.55
CA PHE D 46 2.92 -5.54 7.92
C PHE D 46 2.08 -6.36 8.89
N CYS D 47 0.84 -6.70 8.49
CA CYS D 47 0.01 -7.55 9.34
C CYS D 47 0.64 -8.92 9.52
N ILE D 48 1.28 -9.45 8.48
CA ILE D 48 1.93 -10.76 8.58
C ILE D 48 3.14 -10.67 9.50
N PHE D 49 3.88 -9.56 9.42
CA PHE D 49 5.05 -9.39 10.28
C PHE D 49 4.65 -9.35 11.74
N MET D 50 3.59 -8.59 12.08
CA MET D 50 3.09 -8.58 13.45
C MET D 50 2.59 -9.95 13.89
N VAL D 51 1.86 -10.65 13.01
CA VAL D 51 1.40 -12.00 13.38
C VAL D 51 2.59 -12.94 13.58
N ARG D 52 3.65 -12.75 12.80
CA ARG D 52 4.87 -13.55 12.97
C ARG D 52 5.51 -13.29 14.32
N LEU D 53 5.59 -12.02 14.71
CA LEU D 53 6.14 -11.68 16.03
C LEU D 53 5.32 -12.31 17.14
N ILE D 54 3.99 -12.22 17.04
CA ILE D 54 3.13 -12.81 18.05
C ILE D 54 3.31 -14.33 18.11
N PHE D 55 3.37 -14.98 16.95
CA PHE D 55 3.53 -16.42 16.91
C PHE D 55 4.87 -16.85 17.50
N GLU D 56 5.95 -16.14 17.15
CA GLU D 56 7.27 -16.46 17.68
C GLU D 56 7.34 -16.29 19.19
N ARG D 57 6.80 -15.20 19.74
CA ARG D 57 6.96 -15.01 21.17
C ARG D 57 5.94 -15.77 22.03
N PHE D 58 4.74 -16.04 21.51
CA PHE D 58 3.72 -16.67 22.35
C PHE D 58 3.37 -18.11 21.97
N VAL D 59 3.68 -18.54 20.75
CA VAL D 59 3.28 -19.86 20.27
C VAL D 59 4.49 -20.77 20.07
N ALA D 60 5.61 -20.22 19.59
CA ALA D 60 6.79 -21.04 19.30
C ALA D 60 7.71 -21.16 20.51
N LYS D 61 7.86 -20.10 21.30
CA LYS D 61 8.76 -20.16 22.45
C LYS D 61 8.28 -21.15 23.50
N PRO D 62 7.01 -21.19 23.91
CA PRO D 62 6.58 -22.25 24.84
C PRO D 62 6.79 -23.64 24.30
N CYS D 63 6.57 -23.86 23.00
CA CYS D 63 6.82 -25.17 22.42
C CYS D 63 8.30 -25.54 22.48
N ALA D 64 9.18 -24.57 22.21
CA ALA D 64 10.61 -24.83 22.31
C ALA D 64 11.00 -25.15 23.74
N ILE D 65 10.41 -24.46 24.70
CA ILE D 65 10.67 -24.77 26.11
C ILE D 65 10.19 -26.18 26.42
N ALA D 66 9.00 -26.55 25.94
CA ALA D 66 8.48 -27.89 26.13
C ALA D 66 9.32 -28.95 25.42
N LEU D 67 10.20 -28.56 24.50
CA LEU D 67 11.03 -29.51 23.76
C LEU D 67 12.50 -29.38 24.13
N ASN D 68 12.79 -28.81 25.30
CA ASN D 68 14.14 -28.74 25.87
C ASN D 68 15.14 -28.01 24.97
N ILE D 69 14.68 -27.07 24.15
CA ILE D 69 15.62 -26.20 23.46
C ILE D 69 16.31 -25.30 24.48
N GLN D 70 17.60 -25.04 24.27
CA GLN D 70 18.34 -24.23 25.23
C GLN D 70 17.85 -22.79 25.20
N ALA D 71 17.31 -22.32 26.32
CA ALA D 71 16.77 -20.98 26.41
C ALA D 71 17.82 -19.92 26.68
N ASN D 72 19.06 -20.30 26.95
CA ASN D 72 20.11 -19.34 27.23
C ASN D 72 20.86 -18.96 25.95
N GLY D 73 21.82 -18.06 26.09
CA GLY D 73 22.61 -17.61 24.97
C GLY D 73 23.79 -18.51 24.69
N PRO D 74 24.77 -18.00 23.94
CA PRO D 74 25.96 -18.80 23.61
C PRO D 74 26.90 -18.94 24.80
N GLN D 75 28.04 -19.60 24.58
CA GLN D 75 29.03 -19.79 25.61
C GLN D 75 30.01 -18.62 25.63
N ILE D 76 31.03 -18.71 26.49
CA ILE D 76 32.04 -17.67 26.61
C ILE D 76 33.38 -18.27 26.19
N ALA D 77 34.04 -17.61 25.23
CA ALA D 77 35.33 -18.07 24.77
C ALA D 77 36.41 -17.74 25.80
N PRO D 78 37.45 -18.57 25.92
CA PRO D 78 38.53 -18.26 26.84
C PRO D 78 39.26 -17.01 26.40
N PRO D 79 39.75 -16.21 27.36
CA PRO D 79 40.43 -14.97 26.98
C PRO D 79 41.76 -15.22 26.29
N ASN D 80 42.04 -14.41 25.28
CA ASN D 80 43.31 -14.48 24.55
C ASN D 80 43.49 -13.18 23.78
N ALA D 81 44.57 -12.46 24.05
CA ALA D 81 44.77 -11.16 23.42
C ALA D 81 45.00 -11.30 21.92
N ILE D 82 45.89 -12.21 21.51
CA ILE D 82 46.20 -12.39 20.10
C ILE D 82 44.98 -12.90 19.34
N LEU D 83 44.27 -13.87 19.91
CA LEU D 83 43.08 -14.41 19.25
C LEU D 83 42.00 -13.35 19.13
N GLU D 84 41.79 -12.54 20.18
CA GLU D 84 40.81 -11.48 20.11
C GLU D 84 41.18 -10.43 19.06
N LYS D 85 42.46 -10.07 19.00
CA LYS D 85 42.92 -9.11 17.99
C LYS D 85 42.71 -9.64 16.57
N VAL D 86 43.02 -10.91 16.35
CA VAL D 86 42.82 -11.51 15.03
C VAL D 86 41.33 -11.55 14.69
N PHE D 87 40.49 -11.95 15.65
CA PHE D 87 39.06 -12.03 15.40
C PHE D 87 38.47 -10.66 15.08
N THR D 88 38.89 -9.62 15.81
CA THR D 88 38.36 -8.29 15.58
C THR D 88 38.93 -7.65 14.32
N ALA D 89 40.14 -8.02 13.91
CA ALA D 89 40.82 -7.37 12.79
C ALA D 89 40.87 -8.24 11.55
N ILE D 90 41.39 -9.45 11.64
CA ILE D 90 41.69 -10.24 10.44
C ILE D 90 40.41 -10.79 9.82
N THR D 91 39.72 -11.66 10.55
CA THR D 91 38.53 -12.34 10.02
C THR D 91 37.80 -12.97 11.19
N LYS D 92 36.63 -13.56 10.90
CA LYS D 92 35.81 -14.21 11.90
C LYS D 92 35.62 -15.70 11.66
N HIS D 93 35.81 -16.19 10.44
CA HIS D 93 35.62 -17.60 10.10
C HIS D 93 36.88 -18.10 9.40
N PRO D 94 37.90 -18.47 10.16
CA PRO D 94 39.15 -18.91 9.53
C PRO D 94 38.99 -20.22 8.78
N ASP D 95 39.75 -20.34 7.69
CA ASP D 95 39.77 -21.56 6.89
C ASP D 95 40.91 -22.47 7.38
N GLU D 96 41.19 -23.51 6.62
CA GLU D 96 42.28 -24.43 6.98
C GLU D 96 43.63 -23.73 6.94
N LYS D 97 43.88 -22.95 5.88
CA LYS D 97 45.13 -22.20 5.79
C LYS D 97 45.21 -21.13 6.87
N ARG D 98 44.09 -20.45 7.15
CA ARG D 98 44.08 -19.45 8.22
C ARG D 98 44.30 -20.11 9.58
N LEU D 99 43.71 -21.28 9.80
CA LEU D 99 43.94 -21.99 11.05
C LEU D 99 45.39 -22.42 11.19
N GLU D 100 46.00 -22.89 10.11
CA GLU D 100 47.42 -23.26 10.15
C GLU D 100 48.30 -22.06 10.43
N GLY D 101 48.00 -20.93 9.80
CA GLY D 101 48.77 -19.72 10.07
C GLY D 101 48.63 -19.24 11.51
N LEU D 102 47.41 -19.29 12.05
CA LEU D 102 47.20 -18.90 13.44
C LEU D 102 47.92 -19.86 14.39
N SER D 103 47.91 -21.16 14.10
CA SER D 103 48.62 -22.11 14.93
C SER D 103 50.13 -21.86 14.88
N LYS D 104 50.65 -21.54 13.69
CA LYS D 104 52.08 -21.24 13.57
C LYS D 104 52.44 -19.96 14.33
N GLN D 105 51.58 -18.93 14.26
CA GLN D 105 51.90 -17.67 14.90
C GLN D 105 51.79 -17.77 16.42
N LEU D 106 50.72 -18.39 16.90
CA LEU D 106 50.45 -18.46 18.34
C LEU D 106 51.18 -19.61 19.02
N ASP D 107 51.76 -20.54 18.25
CA ASP D 107 52.39 -21.74 18.80
C ASP D 107 51.41 -22.54 19.65
N TRP D 108 50.17 -22.67 19.16
CA TRP D 108 49.12 -23.39 19.86
C TRP D 108 48.54 -24.43 18.91
N ASP D 109 47.84 -25.40 19.49
CA ASP D 109 47.21 -26.44 18.69
C ASP D 109 46.08 -25.87 17.85
N VAL D 110 45.85 -26.49 16.69
CA VAL D 110 44.80 -26.04 15.78
C VAL D 110 43.42 -26.25 16.39
N ARG D 111 43.24 -27.32 17.18
CA ARG D 111 41.94 -27.61 17.77
C ARG D 111 41.50 -26.51 18.73
N SER D 112 42.42 -26.00 19.56
CA SER D 112 42.06 -24.96 20.52
C SER D 112 41.65 -23.67 19.81
N ILE D 113 42.41 -23.27 18.78
CA ILE D 113 42.07 -22.05 18.04
C ILE D 113 40.74 -22.23 17.30
N GLN D 114 40.52 -23.40 16.70
CA GLN D 114 39.26 -23.66 16.03
C GLN D 114 38.08 -23.61 16.99
N ARG D 115 38.24 -24.20 18.19
CA ARG D 115 37.18 -24.15 19.19
C ARG D 115 36.92 -22.72 19.65
N TRP D 116 37.98 -21.93 19.85
CA TRP D 116 37.80 -20.54 20.26
C TRP D 116 37.07 -19.74 19.20
N PHE D 117 37.43 -19.93 17.93
CA PHE D 117 36.75 -19.19 16.87
C PHE D 117 35.32 -19.67 16.68
N ARG D 118 35.07 -20.97 16.88
CA ARG D 118 33.69 -21.46 16.82
C ARG D 118 32.85 -20.86 17.95
N GLN D 119 33.42 -20.75 19.15
CA GLN D 119 32.71 -20.12 20.25
C GLN D 119 32.43 -18.65 19.96
N ARG D 120 33.42 -17.94 19.38
CA ARG D 120 33.20 -16.55 19.02
C ARG D 120 32.11 -16.41 17.96
N ARG D 121 32.11 -17.29 16.97
CA ARG D 121 31.07 -17.27 15.94
C ARG D 121 29.70 -17.54 16.53
N ASN D 122 29.61 -18.49 17.48
CA ASN D 122 28.36 -18.74 18.17
C ASN D 122 27.92 -17.53 18.96
N GLN D 123 28.87 -16.81 19.56
CA GLN D 123 28.54 -15.55 20.23
C GLN D 123 27.97 -14.54 19.24
N GLU D 124 28.55 -14.45 18.05
CA GLU D 124 28.00 -13.55 17.03
C GLU D 124 26.73 -14.11 16.41
N LYS D 125 26.57 -15.43 16.37
CA LYS D 125 25.40 -16.02 15.75
C LYS D 125 24.22 -15.97 16.72
N PRO D 126 22.99 -15.93 16.19
CA PRO D 126 21.82 -15.97 17.06
C PRO D 126 21.67 -17.31 17.76
N SER D 127 20.95 -17.28 18.89
CA SER D 127 20.74 -18.47 19.69
C SER D 127 19.82 -19.46 18.97
N THR D 128 19.83 -20.70 19.46
CA THR D 128 19.03 -21.75 18.84
C THR D 128 17.53 -21.50 18.99
N LEU D 129 17.13 -20.80 20.06
CA LEU D 129 15.71 -20.56 20.30
C LEU D 129 15.08 -19.72 19.19
N THR D 130 15.75 -18.62 18.82
CA THR D 130 15.22 -17.75 17.77
C THR D 130 15.18 -18.46 16.43
N ARG D 131 16.22 -19.23 16.12
CA ARG D 131 16.22 -19.97 14.85
C ARG D 131 15.12 -21.02 14.82
N PHE D 132 14.87 -21.69 15.96
CA PHE D 132 13.78 -22.66 16.02
C PHE D 132 12.43 -21.98 15.82
N CYS D 133 12.21 -20.84 16.47
CA CYS D 133 10.95 -20.13 16.31
C CYS D 133 10.74 -19.67 14.88
N GLU D 134 11.79 -19.12 14.26
CA GLU D 134 11.68 -18.66 12.88
C GLU D 134 11.43 -19.83 11.92
N SER D 135 12.10 -20.96 12.15
CA SER D 135 11.87 -22.13 11.32
C SER D 135 10.45 -22.64 11.48
N MET D 136 9.91 -22.63 12.70
CA MET D 136 8.53 -23.06 12.90
C MET D 136 7.54 -22.15 12.18
N TRP D 137 7.77 -20.83 12.25
CA TRP D 137 6.91 -19.91 11.53
C TRP D 137 6.99 -20.13 10.02
N ARG D 138 8.20 -20.30 9.50
CA ARG D 138 8.36 -20.55 8.07
C ARG D 138 7.68 -21.84 7.65
N PHE D 139 7.81 -22.89 8.47
CA PHE D 139 7.16 -24.17 8.16
C PHE D 139 5.65 -24.00 8.11
N SER D 140 5.07 -23.33 9.10
CA SER D 140 3.62 -23.15 9.11
C SER D 140 3.13 -22.36 7.91
N PHE D 141 3.84 -21.26 7.58
CA PHE D 141 3.41 -20.43 6.47
C PHE D 141 3.57 -21.15 5.13
N TYR D 142 4.69 -21.86 4.94
CA TYR D 142 4.90 -22.57 3.69
C TYR D 142 3.91 -23.71 3.54
N LEU D 143 3.57 -24.40 4.64
CA LEU D 143 2.59 -25.48 4.55
C LEU D 143 1.22 -24.92 4.19
N TYR D 144 0.84 -23.78 4.78
CA TYR D 144 -0.44 -23.16 4.43
C TYR D 144 -0.47 -22.74 2.97
N VAL D 145 0.61 -22.10 2.50
CA VAL D 145 0.63 -21.62 1.12
C VAL D 145 0.61 -22.77 0.13
N PHE D 146 1.40 -23.81 0.38
CA PHE D 146 1.40 -24.97 -0.51
C PHE D 146 0.03 -25.64 -0.53
N THR D 147 -0.62 -25.77 0.63
CA THR D 147 -1.92 -26.46 0.66
C THR D 147 -2.97 -25.64 -0.08
N TYR D 148 -2.98 -24.32 0.12
CA TYR D 148 -3.92 -23.47 -0.60
C TYR D 148 -3.65 -23.49 -2.10
N GLY D 149 -2.38 -23.48 -2.50
CA GLY D 149 -2.06 -23.58 -3.91
C GLY D 149 -2.50 -24.88 -4.54
N VAL D 150 -2.35 -25.99 -3.80
CA VAL D 150 -2.82 -27.28 -4.31
C VAL D 150 -4.33 -27.28 -4.46
N ARG D 151 -5.04 -26.77 -3.44
CA ARG D 151 -6.50 -26.73 -3.50
C ARG D 151 -6.99 -25.85 -4.65
N PHE D 152 -6.30 -24.73 -4.89
CA PHE D 152 -6.69 -23.85 -5.99
C PHE D 152 -6.38 -24.47 -7.34
N LEU D 153 -5.22 -25.12 -7.49
CA LEU D 153 -4.82 -25.63 -8.79
C LEU D 153 -5.55 -26.92 -9.17
N LYS D 154 -6.06 -27.66 -8.18
CA LYS D 154 -6.69 -28.93 -8.49
C LYS D 154 -7.91 -28.77 -9.39
N LYS D 155 -8.54 -27.60 -9.38
CA LYS D 155 -9.74 -27.35 -10.16
C LYS D 155 -9.49 -26.55 -11.44
N THR D 156 -8.31 -25.95 -11.59
CA THR D 156 -8.04 -25.12 -12.76
C THR D 156 -7.77 -25.98 -13.99
N PRO D 157 -8.10 -25.49 -15.18
CA PRO D 157 -7.87 -26.27 -16.41
C PRO D 157 -6.47 -26.18 -16.97
N TRP D 158 -5.53 -25.47 -16.35
CA TRP D 158 -4.22 -25.29 -16.95
C TRP D 158 -3.14 -26.11 -16.28
N LEU D 159 -3.43 -26.74 -15.15
CA LEU D 159 -2.44 -27.60 -14.50
C LEU D 159 -2.19 -28.86 -15.31
N TRP D 160 -3.24 -29.43 -15.90
CA TRP D 160 -3.07 -30.62 -16.73
C TRP D 160 -2.56 -30.28 -18.14
N ASN D 161 -3.12 -29.26 -18.78
CA ASN D 161 -2.64 -28.78 -20.07
C ASN D 161 -2.05 -27.39 -19.91
N THR D 162 -0.78 -27.23 -20.29
CA THR D 162 -0.08 -25.98 -20.09
C THR D 162 -0.39 -24.95 -21.17
N ARG D 163 -1.16 -25.31 -22.19
CA ARG D 163 -1.56 -24.37 -23.22
C ARG D 163 -2.88 -23.68 -22.89
N HIS D 164 -3.28 -23.70 -21.62
CA HIS D 164 -4.50 -23.06 -21.16
C HIS D 164 -4.21 -21.87 -20.27
N CYS D 165 -2.96 -21.42 -20.24
CA CYS D 165 -2.58 -20.19 -19.57
C CYS D 165 -2.63 -19.01 -20.53
N TRP D 166 -2.66 -19.29 -21.82
CA TRP D 166 -2.64 -18.29 -22.89
C TRP D 166 -3.87 -18.46 -23.78
N TYR D 167 -4.98 -18.93 -23.20
CA TYR D 167 -6.15 -19.30 -23.98
C TYR D 167 -6.74 -18.08 -24.69
N ASN D 168 -7.16 -17.08 -23.92
CA ASN D 168 -7.91 -15.94 -24.44
C ASN D 168 -7.17 -14.65 -24.17
N TYR D 169 -5.84 -14.72 -24.13
CA TYR D 169 -5.02 -13.57 -23.79
C TYR D 169 -5.30 -12.42 -24.75
N PRO D 170 -5.49 -11.19 -24.25
CA PRO D 170 -5.42 -10.73 -22.86
C PRO D 170 -6.74 -10.79 -22.09
N TYR D 171 -7.81 -11.34 -22.67
CA TYR D 171 -9.12 -11.27 -22.04
C TYR D 171 -9.34 -12.52 -21.19
N GLN D 172 -8.72 -12.50 -20.03
CA GLN D 172 -8.90 -13.54 -19.00
C GLN D 172 -9.37 -12.83 -17.74
N PRO D 173 -10.59 -13.07 -17.28
CA PRO D 173 -11.08 -12.37 -16.09
C PRO D 173 -10.32 -12.79 -14.84
N LEU D 174 -10.30 -11.88 -13.87
CA LEU D 174 -9.62 -12.11 -12.60
C LEU D 174 -10.60 -12.68 -11.59
N THR D 175 -10.26 -13.84 -11.03
CA THR D 175 -11.08 -14.50 -10.03
C THR D 175 -10.60 -14.13 -8.64
N THR D 176 -11.46 -14.40 -7.65
CA THR D 176 -11.09 -14.10 -6.26
C THR D 176 -9.95 -14.97 -5.79
N ASP D 177 -9.95 -16.25 -6.16
CA ASP D 177 -8.90 -17.17 -5.69
C ASP D 177 -7.53 -16.77 -6.22
N LEU D 178 -7.44 -16.43 -7.52
CA LEU D 178 -6.17 -16.04 -8.11
C LEU D 178 -5.65 -14.74 -7.50
N HIS D 179 -6.55 -13.77 -7.31
CA HIS D 179 -6.15 -12.51 -6.68
C HIS D 179 -5.67 -12.73 -5.26
N TYR D 180 -6.39 -13.55 -4.49
CA TYR D 180 -5.97 -13.84 -3.12
C TYR D 180 -4.62 -14.54 -3.08
N TYR D 181 -4.40 -15.50 -3.98
CA TYR D 181 -3.13 -16.21 -4.03
C TYR D 181 -1.98 -15.26 -4.34
N TYR D 182 -2.16 -14.42 -5.35
CA TYR D 182 -1.08 -13.50 -5.73
C TYR D 182 -0.80 -12.47 -4.64
N ILE D 183 -1.85 -11.93 -4.03
CA ILE D 183 -1.66 -10.94 -2.98
C ILE D 183 -1.00 -11.58 -1.76
N LEU D 184 -1.39 -12.82 -1.43
CA LEU D 184 -0.78 -13.52 -0.30
C LEU D 184 0.70 -13.79 -0.54
N GLU D 185 1.06 -14.21 -1.76
CA GLU D 185 2.46 -14.46 -2.07
C GLU D 185 3.28 -13.17 -2.03
N LEU D 186 2.76 -12.11 -2.66
CA LEU D 186 3.50 -10.85 -2.67
C LEU D 186 3.63 -10.29 -1.26
N SER D 187 2.58 -10.42 -0.45
CA SER D 187 2.63 -9.97 0.94
C SER D 187 3.67 -10.74 1.74
N PHE D 188 3.75 -12.06 1.53
CA PHE D 188 4.76 -12.84 2.24
C PHE D 188 6.17 -12.44 1.82
N TYR D 189 6.38 -12.20 0.53
CA TYR D 189 7.71 -11.80 0.08
C TYR D 189 8.09 -10.41 0.61
N TRP D 190 7.12 -9.49 0.66
CA TRP D 190 7.40 -8.18 1.26
C TRP D 190 7.63 -8.30 2.77
N SER D 191 6.96 -9.24 3.44
CA SER D 191 7.23 -9.47 4.85
C SER D 191 8.65 -9.98 5.06
N LEU D 192 9.12 -10.87 4.19
CA LEU D 192 10.51 -11.31 4.24
C LEU D 192 11.46 -10.15 4.00
N MET D 193 11.10 -9.24 3.08
CA MET D 193 11.90 -8.06 2.86
C MET D 193 12.00 -7.22 4.12
N PHE D 194 10.85 -6.83 4.68
CA PHE D 194 10.84 -6.02 5.89
C PHE D 194 11.63 -6.68 7.02
N SER D 195 11.53 -8.01 7.15
CA SER D 195 12.30 -8.73 8.15
C SER D 195 13.81 -8.69 7.86
N GLN D 196 14.20 -8.64 6.59
CA GLN D 196 15.61 -8.72 6.27
C GLN D 196 16.32 -7.37 6.31
N PHE D 197 15.67 -6.31 5.81
CA PHE D 197 16.25 -4.97 5.87
C PHE D 197 16.25 -4.37 7.28
N THR D 198 15.37 -4.84 8.17
CA THR D 198 15.36 -4.36 9.54
C THR D 198 15.96 -5.31 10.57
N ASP D 199 15.25 -6.40 10.85
CA ASP D 199 15.69 -7.34 11.89
C ASP D 199 16.99 -8.04 11.54
N ILE D 200 17.25 -8.32 10.27
CA ILE D 200 18.42 -9.12 9.92
C ILE D 200 19.31 -8.39 8.94
N LYS D 201 19.44 -7.07 9.10
CA LYS D 201 20.34 -6.30 8.25
C LYS D 201 21.82 -6.60 8.55
N ARG D 202 22.09 -7.43 9.54
CA ARG D 202 23.43 -7.87 9.90
C ARG D 202 23.56 -9.38 9.84
N LYS D 203 22.95 -10.01 8.83
CA LYS D 203 23.03 -11.47 8.75
C LYS D 203 23.28 -11.98 7.34
N ASP D 204 22.37 -11.69 6.40
CA ASP D 204 22.53 -12.21 5.05
C ASP D 204 21.93 -11.24 4.04
N PHE D 205 22.66 -11.04 2.94
CA PHE D 205 22.31 -10.12 1.88
C PHE D 205 22.94 -10.58 0.57
N GLY D 206 22.78 -11.86 0.24
CA GLY D 206 23.34 -12.38 -0.98
C GLY D 206 22.39 -13.13 -1.90
N ILE D 207 22.51 -14.45 -1.92
CA ILE D 207 21.71 -15.26 -2.85
C ILE D 207 20.22 -15.21 -2.50
N MET D 208 19.88 -15.12 -1.22
CA MET D 208 18.46 -15.10 -0.88
C MET D 208 17.86 -13.70 -0.99
N PHE D 209 18.68 -12.66 -1.01
CA PHE D 209 18.15 -11.33 -1.24
C PHE D 209 17.92 -11.11 -2.73
N LEU D 210 18.86 -11.58 -3.56
CA LEU D 210 18.64 -11.58 -5.00
C LEU D 210 17.43 -12.44 -5.36
N HIS D 211 17.29 -13.60 -4.70
CA HIS D 211 16.14 -14.46 -4.96
C HIS D 211 14.83 -13.75 -4.61
N HIS D 212 14.78 -13.09 -3.44
CA HIS D 212 13.57 -12.37 -3.05
C HIS D 212 13.25 -11.25 -4.05
N LEU D 213 14.26 -10.45 -4.40
CA LEU D 213 14.06 -9.36 -5.34
C LEU D 213 13.53 -9.87 -6.68
N VAL D 214 14.11 -10.95 -7.20
CA VAL D 214 13.66 -11.51 -8.47
C VAL D 214 12.23 -12.03 -8.35
N SER D 215 11.90 -12.68 -7.23
CA SER D 215 10.55 -13.19 -7.06
C SER D 215 9.54 -12.06 -7.03
N ILE D 216 9.84 -10.97 -6.32
CA ILE D 216 8.92 -9.84 -6.26
C ILE D 216 8.79 -9.18 -7.64
N PHE D 217 9.90 -9.04 -8.36
CA PHE D 217 9.88 -8.50 -9.71
C PHE D 217 8.94 -9.32 -10.61
N LEU D 218 9.12 -10.64 -10.59
CA LEU D 218 8.33 -11.51 -11.45
C LEU D 218 6.86 -11.47 -11.07
N ILE D 219 6.56 -11.60 -9.78
CA ILE D 219 5.16 -11.62 -9.34
C ILE D 219 4.46 -10.31 -9.69
N THR D 220 5.15 -9.17 -9.53
CA THR D 220 4.50 -7.90 -9.82
C THR D 220 4.26 -7.73 -11.31
N PHE D 221 5.30 -7.93 -12.12
CA PHE D 221 5.16 -7.61 -13.54
C PHE D 221 4.35 -8.66 -14.29
N SER D 222 4.34 -9.90 -13.81
CA SER D 222 3.38 -10.88 -14.33
C SER D 222 1.94 -10.55 -13.93
N TYR D 223 1.72 -10.06 -12.70
CA TYR D 223 0.36 -9.69 -12.34
C TYR D 223 -0.15 -8.49 -13.13
N VAL D 224 0.72 -7.52 -13.44
CA VAL D 224 0.25 -6.35 -14.18
C VAL D 224 -0.02 -6.70 -15.64
N ASN D 225 0.70 -7.68 -16.18
CA ASN D 225 0.65 -8.03 -17.60
C ASN D 225 -0.41 -9.07 -17.93
N ASN D 226 -1.22 -9.48 -16.95
CA ASN D 226 -2.21 -10.54 -17.12
C ASN D 226 -1.57 -11.89 -17.47
N MET D 227 -0.35 -12.11 -16.98
CA MET D 227 0.38 -13.35 -17.18
C MET D 227 0.52 -14.02 -15.82
N ALA D 228 -0.61 -14.42 -15.25
CA ALA D 228 -0.68 -14.93 -13.89
C ALA D 228 -1.11 -16.39 -13.83
N ARG D 229 -1.63 -16.94 -14.91
CA ARG D 229 -2.04 -18.35 -14.91
C ARG D 229 -0.81 -19.25 -14.87
N VAL D 230 0.26 -18.86 -15.57
CA VAL D 230 1.52 -19.60 -15.51
C VAL D 230 2.31 -19.30 -14.24
N GLY D 231 2.05 -18.17 -13.57
CA GLY D 231 2.76 -17.88 -12.34
C GLY D 231 2.31 -18.72 -11.15
N THR D 232 1.04 -19.14 -11.14
CA THR D 232 0.56 -20.00 -10.07
C THR D 232 1.26 -21.36 -10.11
N LEU D 233 1.55 -21.86 -11.31
CA LEU D 233 2.25 -23.13 -11.43
C LEU D 233 3.67 -23.05 -10.91
N VAL D 234 4.34 -21.91 -11.12
CA VAL D 234 5.68 -21.72 -10.57
C VAL D 234 5.63 -21.56 -9.05
N LEU D 235 4.66 -20.80 -8.54
CA LEU D 235 4.58 -20.60 -7.10
C LEU D 235 4.28 -21.90 -6.38
N CYS D 236 3.36 -22.71 -6.93
CA CYS D 236 3.05 -23.97 -6.28
C CYS D 236 4.15 -24.99 -6.46
N LEU D 237 4.91 -24.92 -7.55
CA LEU D 237 5.99 -25.89 -7.73
C LEU D 237 7.12 -25.57 -6.77
N HIS D 238 7.45 -24.28 -6.63
CA HIS D 238 8.57 -23.89 -5.78
C HIS D 238 8.26 -24.04 -4.31
N ASP D 239 7.00 -23.86 -3.89
CA ASP D 239 6.69 -23.96 -2.47
C ASP D 239 6.48 -25.40 -2.01
N SER D 240 6.69 -26.39 -2.88
CA SER D 240 6.51 -27.78 -2.48
C SER D 240 7.65 -28.25 -1.57
N ALA D 241 8.88 -27.85 -1.88
CA ALA D 241 10.05 -28.32 -1.15
C ALA D 241 10.41 -27.45 0.06
N ASP D 242 9.91 -26.22 0.12
CA ASP D 242 10.23 -25.33 1.23
C ASP D 242 9.54 -25.72 2.53
N ALA D 243 8.55 -26.61 2.49
CA ALA D 243 7.87 -27.05 3.69
C ALA D 243 8.56 -28.21 4.40
N LEU D 244 9.59 -28.80 3.80
CA LEU D 244 10.33 -29.89 4.40
C LEU D 244 11.67 -29.46 4.98
N LEU D 245 12.31 -28.45 4.39
CA LEU D 245 13.57 -27.95 4.94
C LEU D 245 13.39 -27.37 6.33
N GLU D 246 12.28 -26.65 6.55
CA GLU D 246 12.01 -26.10 7.87
C GLU D 246 11.76 -27.21 8.89
N ALA D 247 11.04 -28.26 8.49
CA ALA D 247 10.84 -29.39 9.39
C ALA D 247 12.16 -30.09 9.72
N ALA D 248 13.04 -30.22 8.72
CA ALA D 248 14.35 -30.79 8.97
C ALA D 248 15.16 -29.94 9.94
N LYS D 249 15.11 -28.61 9.77
CA LYS D 249 15.80 -27.72 10.69
C LYS D 249 15.23 -27.84 12.11
N MET D 250 13.91 -27.92 12.23
CA MET D 250 13.29 -28.08 13.55
C MET D 250 13.72 -29.39 14.20
N ALA D 251 13.79 -30.47 13.42
CA ALA D 251 14.27 -31.74 13.95
C ALA D 251 15.72 -31.65 14.38
N ASN D 252 16.53 -30.91 13.61
CA ASN D 252 17.94 -30.72 13.97
C ASN D 252 18.07 -29.96 15.28
N TYR D 253 17.29 -28.90 15.47
CA TYR D 253 17.46 -28.04 16.64
C TYR D 253 17.01 -28.69 17.93
N ALA D 254 16.22 -29.75 17.87
CA ALA D 254 15.84 -30.51 19.04
C ALA D 254 16.79 -31.67 19.33
N LYS D 255 17.89 -31.77 18.57
CA LYS D 255 18.89 -32.82 18.65
C LYS D 255 18.37 -34.17 18.17
N PHE D 256 17.33 -34.17 17.35
CA PHE D 256 16.83 -35.38 16.72
C PHE D 256 17.58 -35.54 15.40
N GLN D 257 18.45 -36.55 15.31
CA GLN D 257 19.20 -36.72 14.07
C GLN D 257 18.59 -37.74 13.13
N LYS D 258 17.81 -38.70 13.63
CA LYS D 258 17.22 -39.70 12.75
C LYS D 258 16.11 -39.07 11.91
N MET D 259 15.24 -38.30 12.58
CA MET D 259 14.17 -37.61 11.86
C MET D 259 14.75 -36.52 10.98
N CYS D 260 15.80 -35.84 11.44
CA CYS D 260 16.40 -34.79 10.62
C CYS D 260 16.99 -35.38 9.35
N ASP D 261 17.65 -36.53 9.46
CA ASP D 261 18.21 -37.19 8.28
C ASP D 261 17.10 -37.64 7.34
N LEU D 262 16.03 -38.23 7.87
CA LEU D 262 14.94 -38.67 7.00
C LEU D 262 14.28 -37.49 6.29
N LEU D 263 13.88 -36.47 7.05
CA LEU D 263 13.27 -35.28 6.46
C LEU D 263 14.20 -34.59 5.46
N PHE D 264 15.51 -34.62 5.69
CA PHE D 264 16.39 -34.00 4.70
C PHE D 264 16.58 -34.86 3.46
N VAL D 265 16.52 -36.19 3.58
CA VAL D 265 16.54 -37.00 2.37
C VAL D 265 15.26 -36.78 1.57
N MET D 266 14.15 -36.57 2.26
CA MET D 266 12.89 -36.32 1.55
C MET D 266 12.88 -34.93 0.92
N PHE D 267 13.39 -33.93 1.64
CA PHE D 267 13.49 -32.60 1.08
C PHE D 267 14.41 -32.58 -0.13
N ALA D 268 15.53 -33.29 -0.06
CA ALA D 268 16.44 -33.35 -1.21
C ALA D 268 15.77 -33.99 -2.41
N VAL D 269 15.05 -35.10 -2.20
CA VAL D 269 14.36 -35.76 -3.31
C VAL D 269 13.32 -34.83 -3.94
N VAL D 270 12.49 -34.20 -3.10
CA VAL D 270 11.45 -33.32 -3.61
C VAL D 270 12.05 -32.12 -4.32
N PHE D 271 13.09 -31.52 -3.74
CA PHE D 271 13.74 -30.36 -4.33
C PHE D 271 14.31 -30.69 -5.71
N ILE D 272 15.07 -31.78 -5.80
CA ILE D 272 15.66 -32.16 -7.08
C ILE D 272 14.57 -32.46 -8.11
N THR D 273 13.58 -33.26 -7.72
CA THR D 273 12.54 -33.68 -8.67
C THR D 273 11.75 -32.48 -9.18
N THR D 274 11.35 -31.57 -8.28
CA THR D 274 10.50 -30.46 -8.70
C THR D 274 11.28 -29.38 -9.44
N ARG D 275 12.47 -29.03 -8.97
CA ARG D 275 13.18 -27.88 -9.49
C ARG D 275 14.28 -28.24 -10.49
N LEU D 276 14.42 -29.51 -10.87
CA LEU D 276 15.38 -29.86 -11.89
C LEU D 276 14.76 -30.74 -12.96
N GLY D 277 13.72 -31.49 -12.60
CA GLY D 277 13.10 -32.38 -13.55
C GLY D 277 11.79 -31.85 -14.10
N ILE D 278 10.96 -31.29 -13.23
CA ILE D 278 9.65 -30.78 -13.63
C ILE D 278 9.73 -29.34 -14.13
N PHE D 279 10.37 -28.46 -13.36
CA PHE D 279 10.37 -27.04 -13.71
C PHE D 279 10.91 -26.76 -15.10
N PRO D 280 12.10 -27.20 -15.50
CA PRO D 280 12.60 -26.75 -16.81
C PRO D 280 11.79 -27.31 -17.96
N LEU D 281 11.46 -28.59 -17.90
CA LEU D 281 10.80 -29.30 -18.99
C LEU D 281 9.36 -28.87 -19.15
N TRP D 282 8.69 -28.51 -18.05
CA TRP D 282 7.27 -28.19 -18.07
C TRP D 282 7.02 -26.69 -18.11
N VAL D 283 7.58 -25.93 -17.16
CA VAL D 283 7.35 -24.49 -17.15
C VAL D 283 8.19 -23.78 -18.21
N LEU D 284 9.48 -24.13 -18.39
CA LEU D 284 10.18 -23.37 -19.42
C LEU D 284 9.72 -23.81 -20.80
N ASN D 285 9.07 -24.97 -20.91
CA ASN D 285 8.46 -25.34 -22.18
C ASN D 285 7.27 -24.45 -22.46
N THR D 286 6.41 -24.26 -21.44
CA THR D 286 5.20 -23.48 -21.69
C THR D 286 5.54 -22.01 -21.85
N THR D 287 6.70 -21.58 -21.35
CA THR D 287 7.09 -20.18 -21.31
C THR D 287 7.91 -19.75 -22.53
N LEU D 288 8.95 -20.52 -22.86
CA LEU D 288 9.83 -20.12 -23.97
C LEU D 288 9.16 -20.28 -25.33
N PHE D 289 8.38 -21.34 -25.53
CA PHE D 289 7.87 -21.65 -26.86
C PHE D 289 6.35 -21.50 -26.98
N GLU D 290 5.58 -22.10 -26.08
CA GLU D 290 4.13 -22.04 -26.23
C GLU D 290 3.61 -20.61 -26.06
N SER D 291 4.16 -19.88 -25.07
CA SER D 291 3.75 -18.50 -24.85
C SER D 291 3.96 -17.65 -26.09
N TRP D 292 5.08 -17.84 -26.78
CA TRP D 292 5.39 -17.03 -27.95
C TRP D 292 4.61 -17.48 -29.17
N GLU D 293 4.26 -18.76 -29.23
CA GLU D 293 3.44 -19.27 -30.33
C GLU D 293 2.00 -18.77 -30.23
N ILE D 294 1.33 -19.04 -29.10
CA ILE D 294 -0.06 -18.64 -28.95
C ILE D 294 -0.21 -17.13 -28.81
N VAL D 295 0.62 -16.49 -27.98
CA VAL D 295 0.40 -15.07 -27.71
C VAL D 295 0.97 -14.21 -28.84
N GLY D 296 2.01 -14.67 -29.52
CA GLY D 296 2.69 -13.90 -30.52
C GLY D 296 4.01 -13.33 -30.05
N PRO D 297 4.60 -12.43 -30.85
CA PRO D 297 5.87 -11.80 -30.47
C PRO D 297 5.71 -10.62 -29.53
N TYR D 298 6.13 -10.79 -28.28
CA TYR D 298 6.17 -9.70 -27.34
C TYR D 298 7.61 -9.47 -26.90
N PRO D 299 8.04 -8.23 -26.69
CA PRO D 299 9.41 -8.01 -26.21
C PRO D 299 9.62 -8.26 -24.72
N SER D 300 8.58 -8.21 -23.90
CA SER D 300 8.75 -8.53 -22.48
C SER D 300 9.25 -9.95 -22.28
N TRP D 301 9.09 -10.81 -23.28
CA TRP D 301 9.61 -12.17 -23.20
C TRP D 301 11.11 -12.18 -22.93
N TRP D 302 11.82 -11.18 -23.43
CA TRP D 302 13.27 -11.14 -23.22
C TRP D 302 13.60 -10.83 -21.78
N VAL D 303 12.70 -10.12 -21.10
CA VAL D 303 12.90 -9.85 -19.69
C VAL D 303 12.47 -11.06 -18.87
N PHE D 304 11.33 -11.67 -19.20
CA PHE D 304 10.78 -12.68 -18.30
C PHE D 304 11.53 -14.01 -18.33
N ASN D 305 11.94 -14.45 -19.52
CA ASN D 305 12.58 -15.76 -19.59
C ASN D 305 13.97 -15.72 -19.02
N LEU D 306 14.69 -14.64 -19.24
CA LEU D 306 16.01 -14.50 -18.63
C LEU D 306 15.88 -14.58 -17.13
N LEU D 307 14.90 -13.87 -16.56
CA LEU D 307 14.71 -13.93 -15.13
C LEU D 307 14.41 -15.34 -14.67
N LEU D 308 13.50 -16.04 -15.37
CA LEU D 308 13.23 -17.41 -14.99
C LEU D 308 14.47 -18.28 -15.15
N LEU D 309 15.30 -17.99 -16.15
CA LEU D 309 16.55 -18.73 -16.28
C LEU D 309 17.48 -18.40 -15.12
N LEU D 310 17.48 -17.14 -14.69
CA LEU D 310 18.23 -16.77 -13.51
C LEU D 310 17.77 -17.61 -12.33
N VAL D 311 16.45 -17.67 -12.09
CA VAL D 311 15.94 -18.49 -11.00
C VAL D 311 16.44 -19.92 -11.13
N GLN D 312 16.47 -20.44 -12.36
CA GLN D 312 16.89 -21.82 -12.54
C GLN D 312 18.36 -21.98 -12.19
N GLY D 313 19.18 -20.99 -12.53
CA GLY D 313 20.57 -21.06 -12.14
C GLY D 313 20.71 -21.09 -10.63
N LEU D 314 19.99 -20.19 -9.95
CA LEU D 314 19.98 -20.24 -8.49
C LEU D 314 19.59 -21.62 -7.99
N ASN D 315 18.57 -22.21 -8.61
CA ASN D 315 18.05 -23.47 -8.09
C ASN D 315 18.87 -24.65 -8.55
N CYS D 316 19.97 -24.37 -9.23
CA CYS D 316 20.95 -25.38 -9.55
C CYS D 316 22.18 -25.27 -8.65
N PHE D 317 22.53 -24.03 -8.27
CA PHE D 317 23.59 -23.86 -7.28
C PHE D 317 23.20 -24.49 -5.97
N TRP D 318 22.03 -24.13 -5.44
CA TRP D 318 21.61 -24.69 -4.16
C TRP D 318 21.52 -26.20 -4.23
N SER D 319 21.41 -26.77 -5.43
CA SER D 319 21.21 -28.20 -5.49
C SER D 319 22.53 -28.92 -5.42
N TYR D 320 23.60 -28.27 -5.87
CA TYR D 320 24.92 -28.81 -5.61
C TYR D 320 25.16 -28.79 -4.11
N LEU D 321 24.73 -27.70 -3.45
CA LEU D 321 24.94 -27.60 -2.02
C LEU D 321 24.19 -28.71 -1.32
N ILE D 322 23.08 -29.15 -1.91
CA ILE D 322 22.24 -30.16 -1.27
C ILE D 322 22.83 -31.54 -1.54
N VAL D 323 23.31 -31.76 -2.76
CA VAL D 323 23.81 -33.08 -3.14
C VAL D 323 24.99 -33.49 -2.27
N LYS D 324 25.75 -32.52 -1.74
CA LYS D 324 26.84 -32.91 -0.87
C LYS D 324 26.37 -33.19 0.55
N ILE D 325 25.40 -32.41 1.06
CA ILE D 325 24.84 -32.71 2.37
C ILE D 325 24.17 -34.07 2.36
N ALA D 326 23.48 -34.39 1.27
CA ALA D 326 22.85 -35.71 1.20
C ALA D 326 23.91 -36.80 1.16
N CYS D 327 25.05 -36.52 0.52
CA CYS D 327 26.15 -37.46 0.56
C CYS D 327 26.64 -37.65 2.00
N LYS D 328 26.68 -36.56 2.76
CA LYS D 328 27.02 -36.67 4.17
C LYS D 328 25.91 -37.36 4.96
N ALA D 329 24.66 -37.24 4.49
CA ALA D 329 23.53 -37.83 5.19
C ALA D 329 23.39 -39.32 4.97
N VAL D 330 24.07 -39.88 3.97
CA VAL D 330 23.97 -41.31 3.69
C VAL D 330 24.72 -42.11 4.74
C1 PLM E . 1.65 15.29 18.41
O2 PLM E . 1.57 16.00 19.38
C2 PLM E . 1.29 15.78 17.05
C3 PLM E . 0.11 15.08 16.44
C4 PLM E . -0.31 15.67 15.10
C5 PLM E . -1.77 15.49 14.81
C6 PLM E . -2.10 15.35 13.34
C7 PLM E . -3.56 15.13 13.05
C8 PLM E . -4.04 15.78 11.77
C9 PLM E . -5.45 15.45 11.40
CA PLM E . -6.52 16.23 12.13
CB PLM E . -7.92 15.84 11.76
CC PLM E . -9.01 16.41 12.64
CD PLM E . -10.32 16.60 11.93
CE PLM E . -11.54 16.28 12.76
CF PLM E . -12.20 17.47 13.39
CG PLM E . -13.70 17.29 13.58
O12 PC1 F . -11.95 -0.40 1.03
P PC1 F . -12.88 -0.53 2.19
O14 PC1 F . -13.81 -1.68 2.38
O13 PC1 F . -13.84 0.81 2.28
C11 PC1 F . -13.64 1.86 1.38
C12 PC1 F . -15.03 2.45 1.15
N PC1 F . -15.43 3.61 2.02
C13 PC1 F . -15.41 4.89 1.26
C14 PC1 F . -16.85 3.36 2.46
C15 PC1 F . -14.59 3.74 3.24
O11 PC1 F . -11.93 -0.34 3.52
C1 PC1 F . -10.53 -0.47 3.40
C2 PC1 F . -9.87 -0.14 4.72
O21 PC1 F . -10.64 -0.62 5.83
C21 PC1 F . -10.13 -0.57 7.05
O22 PC1 F . -8.94 -0.71 7.27
C22 PC1 F . -11.20 -0.34 8.09
C23 PC1 F . -10.84 -0.75 9.50
C24 PC1 F . -9.81 0.17 10.13
C25 PC1 F . -9.27 -0.34 11.47
C26 PC1 F . -9.62 0.58 12.63
C27 PC1 F . -9.22 0.03 13.99
C28 PC1 F . -9.38 1.04 15.12
C3 PC1 F . -9.71 1.35 4.93
O31 PC1 F . -8.75 1.82 3.99
C31 PC1 F . -7.62 2.42 4.40
O32 PC1 F . -7.00 3.19 3.72
C32 PC1 F . -7.22 2.00 5.80
C33 PC1 F . -5.81 2.45 6.18
C34 PC1 F . -5.13 1.45 7.12
C35 PC1 F . -5.10 1.84 8.60
C36 PC1 F . -6.47 2.05 9.22
C37 PC1 F . -6.46 2.40 10.70
C38 PC1 F . -5.08 2.66 11.27
C39 PC1 F . -4.65 1.64 12.31
C3A PC1 F . -4.21 2.27 13.62
C3B PC1 F . -5.29 3.12 14.27
C3C PC1 F . -5.68 2.65 15.67
C3D PC1 F . -4.97 3.40 16.79
C3E PC1 F . -5.82 3.54 18.04
C3F PC1 F . -6.40 4.93 18.24
C3G PC1 F . -6.18 5.52 19.64
C3H PC1 F . -5.54 4.56 20.63
C3I PC1 F . -5.94 4.85 22.07
C1 NAG G . -32.94 15.28 4.79
C2 NAG G . -33.52 16.62 5.27
C3 NAG G . -35.01 16.48 5.55
C4 NAG G . -35.73 15.89 4.34
C5 NAG G . -35.07 14.58 3.91
C6 NAG G . -35.65 14.00 2.65
C7 NAG G . -31.79 17.95 6.38
C8 NAG G . -31.19 18.34 7.69
N2 NAG G . -32.82 17.10 6.44
O3 NAG G . -35.56 17.75 5.87
O4 NAG G . -37.10 15.64 4.66
O5 NAG G . -33.68 14.81 3.65
O6 NAG G . -34.66 13.78 1.67
O7 NAG G . -31.36 18.37 5.32
C1 PLM H . 13.07 -19.36 -5.57
O2 PLM H . 13.77 -20.25 -6.00
C2 PLM H . 11.58 -19.35 -5.81
C3 PLM H . 11.12 -18.20 -6.64
C4 PLM H . 9.64 -18.26 -6.98
C5 PLM H . 9.29 -17.58 -8.27
C6 PLM H . 7.90 -16.97 -8.29
C7 PLM H . 7.57 -16.25 -9.58
C8 PLM H . 6.11 -16.38 -9.99
C9 PLM H . 5.74 -15.54 -11.19
CA PLM H . 6.10 -16.14 -12.52
CB PLM H . 5.75 -15.26 -13.69
CC PLM H . 6.32 -15.69 -15.02
CD PLM H . 5.48 -15.28 -16.19
CE PLM H . 6.27 -14.84 -17.41
CF PLM H . 6.44 -15.90 -18.47
CG PLM H . 6.55 -15.34 -19.86
O12 PC1 I . 0.08 3.66 -11.46
P PC1 I . 1.14 3.75 -12.50
O14 PC1 I . 1.59 5.04 -13.12
O13 PC1 I . 0.75 2.79 -13.78
C11 PC1 I . -0.41 2.00 -13.71
C12 PC1 I . -0.93 1.92 -15.15
N PC1 I . -0.48 0.77 -15.98
C13 PC1 I . -1.58 -0.22 -16.16
C14 PC1 I . -0.11 1.30 -17.32
C15 PC1 I . 0.70 0.07 -15.41
O11 PC1 I . 2.43 2.95 -11.87
C1 PC1 I . 2.47 2.68 -10.49
C2 PC1 I . 3.69 1.84 -10.17
O21 PC1 I . 4.82 2.21 -10.97
C21 PC1 I . 6.01 1.69 -10.68
O22 PC1 I . 6.36 1.40 -9.57
C22 PC1 I . 6.82 1.53 -11.94
C23 PC1 I . 8.33 1.44 -11.74
C24 PC1 I . 8.74 0.11 -11.10
C25 PC1 I . 10.21 0.07 -10.69
C26 PC1 I . 11.01 -0.99 -11.46
C27 PC1 I . 12.51 -0.95 -11.17
C28 PC1 I . 13.25 -2.13 -11.77
C3 PC1 I . 3.45 0.36 -10.44
O31 PC1 I . 2.50 -0.12 -9.49
C31 PC1 I . 2.81 -1.10 -8.65
O32 PC1 I . 1.99 -1.82 -8.15
C32 PC1 I . 4.29 -1.22 -8.40
C33 PC1 I . 4.65 -2.14 -7.23
C34 PC1 I . 5.90 -1.68 -6.48
C35 PC1 I . 7.18 -2.43 -6.81
C36 PC1 I . 7.60 -2.37 -8.27
C37 PC1 I . 8.90 -3.09 -8.61
C38 PC1 I . 9.49 -3.89 -7.45
C39 PC1 I . 10.81 -3.36 -6.95
C3A PC1 I . 11.92 -4.41 -6.92
C3B PC1 I . 12.18 -5.04 -8.29
C3C PC1 I . 13.61 -4.86 -8.77
C3D PC1 I . 14.52 -6.05 -8.47
C3E PC1 I . 15.59 -6.25 -9.54
C3F PC1 I . 15.31 -7.41 -10.48
C3G PC1 I . 16.48 -8.38 -10.66
C3H PC1 I . 17.77 -7.95 -9.98
C3I PC1 I . 19.01 -8.48 -10.67
C1 NAG J . -2.85 -5.43 -36.14
C2 NAG J . -2.86 -6.60 -37.13
C3 NAG J . -2.68 -6.10 -38.55
C4 NAG J . -3.72 -5.03 -38.88
C5 NAG J . -3.67 -3.92 -37.84
C6 NAG J . -4.75 -2.88 -38.03
C7 NAG J . -2.05 -8.64 -36.01
C8 NAG J . -0.86 -9.53 -35.77
N2 NAG J . -1.82 -7.57 -36.79
O3 NAG J . -2.80 -7.20 -39.46
O4 NAG J . -3.45 -4.48 -40.16
O5 NAG J . -3.86 -4.48 -36.52
O6 NAG J . -5.53 -2.72 -36.85
O7 NAG J . -3.15 -8.88 -35.54
#